data_4GE4
#
_entry.id   4GE4
#
_cell.length_a   111.944
_cell.length_b   111.944
_cell.length_c   137.508
_cell.angle_alpha   90.000
_cell.angle_beta   90.000
_cell.angle_gamma   120.000
#
_symmetry.space_group_name_H-M   'P 32 2 1'
#
loop_
_entity.id
_entity.type
_entity.pdbx_description
1 polymer 'Kynurenine/alpha-aminoadipate aminotransferase, mitochondrial'
2 non-polymer '(5-hydroxy-4-{[(1-hydroxy-7-methoxy-2-oxo-1,2-dihydroquinolin-3-yl)amino]methyl}-6-methylpyridin-3-yl)methyl dihydrogen phosphate'
3 water water
#
_entity_poly.entity_id   1
_entity_poly.type   'polypeptide(L)'
_entity_poly.pdbx_seq_one_letter_code
;MNYARFITAASAARNPSPIRTMTDILSRGPKSMISLAGGLPNPNMFPFKTAVITVENGKTIQFGEEMMKRALQYSPSAGI
PELLSWLKQLQIKLHNPPTIHYPPSQGQMDLCVTSGSQQGLCKVFEMIINPGDNVLLDEPAYSGTLQSLHPLGCNIINVA
SDESGIVPDSLRDILSRWKPEDAKNPQKNTPKFLYTVPNGNNPTGNSLTSERKKEIYELARKYDFLIIEDDPYYFLQFNS
GRVPTFLSMDVDGRVIRADSFSKIISSGLRIGFLTGPKPLIERVILHIQVSTLHPSTFNQLMISQLLHEWGEEGFMAHVD
RVIDFYSNQKDAILAAADKWLTGLAEWHVPAAGMFLWIKVKGINDVKELIEEKAVKMGVLMLPGNAFYVDSSAPSPYLRA
SFSSASPEQMDVAFQVLAQLIKESLLVPRGSLEHHHHHH
;
_entity_poly.pdbx_strand_id   A,B
#
# COMPACT_ATOMS: atom_id res chain seq x y z
N MET A 1 16.52 10.67 -22.68
CA MET A 1 16.68 10.48 -21.24
C MET A 1 17.34 9.14 -20.89
N ASN A 2 18.25 9.19 -19.92
CA ASN A 2 18.93 8.01 -19.39
C ASN A 2 18.27 7.81 -18.05
N TYR A 3 17.14 7.06 -18.04
CA TYR A 3 16.34 6.77 -16.85
C TYR A 3 17.08 6.01 -15.78
N ALA A 4 18.09 5.22 -16.19
CA ALA A 4 18.96 4.40 -15.33
C ALA A 4 19.62 5.17 -14.21
N ARG A 5 19.88 6.49 -14.41
CA ARG A 5 20.48 7.31 -13.35
C ARG A 5 19.46 7.75 -12.30
N PHE A 6 18.17 7.49 -12.55
CA PHE A 6 17.05 7.83 -11.66
C PHE A 6 16.41 6.58 -11.07
N ILE A 7 17.06 5.44 -11.19
CA ILE A 7 16.53 4.20 -10.65
C ILE A 7 17.63 3.47 -9.90
N THR A 8 17.37 3.15 -8.63
CA THR A 8 18.33 2.45 -7.77
C THR A 8 18.54 1.01 -8.26
N ALA A 9 19.63 0.38 -7.81
CA ALA A 9 19.99 -1.00 -8.15
C ALA A 9 18.85 -1.95 -7.72
N ALA A 10 18.25 -1.73 -6.51
CA ALA A 10 17.13 -2.51 -5.97
C ALA A 10 15.89 -2.40 -6.87
N SER A 11 15.55 -1.17 -7.31
CA SER A 11 14.40 -0.96 -8.20
C SER A 11 14.61 -1.65 -9.56
N ALA A 12 15.83 -1.61 -10.13
CA ALA A 12 16.18 -2.22 -11.43
C ALA A 12 16.18 -3.75 -11.34
N ALA A 13 16.42 -4.27 -10.14
CA ALA A 13 16.45 -5.70 -9.86
C ALA A 13 15.04 -6.32 -9.78
N ARG A 14 13.99 -5.48 -9.75
CA ARG A 14 12.62 -5.96 -9.65
C ARG A 14 12.16 -6.63 -10.93
N ASN A 15 11.47 -7.76 -10.78
CA ASN A 15 10.95 -8.50 -11.91
C ASN A 15 9.45 -8.65 -11.83
N PRO A 16 8.75 -8.83 -12.97
CA PRO A 16 7.30 -9.09 -12.87
C PRO A 16 7.00 -10.45 -12.23
N SER A 17 5.80 -10.61 -11.69
CA SER A 17 5.36 -11.84 -11.05
C SER A 17 5.20 -12.98 -12.12
N PRO A 18 5.21 -14.27 -11.71
CA PRO A 18 5.00 -15.35 -12.70
C PRO A 18 3.65 -15.27 -13.42
N ILE A 19 2.63 -14.72 -12.75
CA ILE A 19 1.29 -14.52 -13.31
C ILE A 19 1.29 -13.48 -14.45
N ARG A 20 2.04 -12.37 -14.29
CA ARG A 20 2.16 -11.35 -15.33
C ARG A 20 2.85 -11.97 -16.54
N THR A 21 3.95 -12.68 -16.31
CA THR A 21 4.74 -13.43 -17.30
C THR A 21 3.87 -14.43 -18.09
N MET A 22 3.01 -15.24 -17.40
CA MET A 22 2.11 -16.22 -18.02
C MET A 22 1.10 -15.52 -18.93
N THR A 23 0.46 -14.44 -18.43
CA THR A 23 -0.53 -13.60 -19.13
C THR A 23 0.05 -13.02 -20.44
N ASP A 24 1.31 -12.56 -20.42
CA ASP A 24 1.99 -11.99 -21.59
C ASP A 24 2.22 -13.01 -22.71
N ILE A 25 2.35 -14.32 -22.36
CA ILE A 25 2.57 -15.43 -23.29
C ILE A 25 1.28 -15.80 -24.03
N LEU A 26 0.12 -15.49 -23.44
CA LEU A 26 -1.22 -15.80 -23.98
C LEU A 26 -1.50 -15.12 -25.32
N SER A 27 -2.36 -15.74 -26.13
CA SER A 27 -2.79 -15.20 -27.42
C SER A 27 -4.19 -14.60 -27.31
N SER A 32 -10.76 -21.10 -26.03
CA SER A 32 -11.16 -22.01 -24.95
C SER A 32 -9.94 -22.34 -24.09
N MET A 33 -9.96 -21.90 -22.83
CA MET A 33 -8.83 -22.10 -21.94
C MET A 33 -9.18 -22.61 -20.57
N ILE A 34 -8.35 -23.54 -20.05
CA ILE A 34 -8.47 -24.08 -18.70
C ILE A 34 -7.31 -23.53 -17.86
N SER A 35 -7.64 -22.83 -16.78
CA SER A 35 -6.61 -22.26 -15.91
C SER A 35 -6.55 -22.89 -14.53
N LEU A 36 -5.37 -23.44 -14.21
CA LEU A 36 -5.02 -24.01 -12.91
C LEU A 36 -3.79 -23.22 -12.43
N ALA A 37 -3.61 -21.99 -12.95
CA ALA A 37 -2.46 -21.14 -12.65
C ALA A 37 -2.47 -20.31 -11.39
N GLY A 38 -3.54 -19.54 -11.15
CA GLY A 38 -3.58 -18.61 -10.03
C GLY A 38 -4.18 -19.11 -8.73
N GLY A 39 -3.68 -18.56 -7.62
CA GLY A 39 -4.19 -18.86 -6.30
C GLY A 39 -5.40 -18.00 -5.97
N LEU A 40 -6.30 -17.86 -6.96
CA LEU A 40 -7.51 -17.06 -6.84
C LEU A 40 -8.57 -17.76 -6.02
N PRO A 41 -9.15 -17.12 -5.00
CA PRO A 41 -10.32 -17.74 -4.34
C PRO A 41 -11.44 -18.00 -5.36
N ASN A 42 -12.23 -19.03 -5.13
CA ASN A 42 -13.35 -19.37 -6.00
C ASN A 42 -14.37 -18.22 -5.94
N PRO A 43 -14.71 -17.64 -7.11
CA PRO A 43 -15.65 -16.49 -7.12
C PRO A 43 -17.09 -16.76 -6.71
N ASN A 44 -17.46 -18.03 -6.51
CA ASN A 44 -18.80 -18.42 -6.10
C ASN A 44 -18.92 -18.64 -4.58
N MET A 45 -17.78 -18.47 -3.85
CA MET A 45 -17.67 -18.65 -2.39
C MET A 45 -17.68 -17.32 -1.63
N PHE A 46 -17.71 -16.19 -2.36
CA PHE A 46 -17.72 -14.86 -1.75
C PHE A 46 -19.05 -14.64 -1.02
N PRO A 47 -19.03 -14.06 0.22
CA PRO A 47 -20.30 -13.85 0.93
C PRO A 47 -21.12 -12.66 0.41
N PHE A 48 -20.49 -11.68 -0.28
CA PHE A 48 -21.19 -10.51 -0.84
C PHE A 48 -21.63 -10.85 -2.27
N LYS A 49 -22.90 -10.59 -2.62
CA LYS A 49 -23.48 -11.01 -3.90
C LYS A 49 -23.80 -9.93 -4.92
N THR A 50 -24.41 -8.82 -4.47
CA THR A 50 -24.81 -7.70 -5.34
C THR A 50 -24.67 -6.43 -4.53
N ALA A 51 -24.61 -5.30 -5.21
CA ALA A 51 -24.50 -4.02 -4.54
C ALA A 51 -25.22 -2.96 -5.32
N VAL A 52 -25.85 -2.04 -4.59
CA VAL A 52 -26.49 -0.87 -5.18
C VAL A 52 -26.02 0.34 -4.39
N ILE A 53 -25.45 1.31 -5.11
CA ILE A 53 -24.90 2.53 -4.52
C ILE A 53 -25.63 3.72 -5.15
N THR A 54 -26.28 4.58 -4.32
CA THR A 54 -26.96 5.76 -4.83
C THR A 54 -25.94 6.89 -5.00
N VAL A 55 -26.06 7.63 -6.10
CA VAL A 55 -25.17 8.72 -6.50
C VAL A 55 -25.86 10.08 -6.28
N GLY A 58 -30.15 11.62 -8.50
CA GLY A 58 -30.88 10.51 -7.88
C GLY A 58 -30.53 9.15 -8.46
N LYS A 59 -29.52 9.11 -9.36
CA LYS A 59 -29.00 7.95 -10.07
C LYS A 59 -28.46 6.82 -9.16
N THR A 60 -28.19 5.67 -9.76
CA THR A 60 -27.72 4.49 -9.06
C THR A 60 -26.57 3.82 -9.81
N ILE A 61 -25.66 3.19 -9.06
CA ILE A 61 -24.56 2.34 -9.51
C ILE A 61 -24.94 0.95 -9.04
N GLN A 62 -24.87 -0.02 -9.94
CA GLN A 62 -25.22 -1.38 -9.61
C GLN A 62 -24.11 -2.35 -9.92
N PHE A 63 -23.84 -3.25 -8.98
CA PHE A 63 -22.92 -4.35 -9.19
C PHE A 63 -23.80 -5.57 -9.17
N GLY A 64 -24.11 -6.09 -10.36
CA GLY A 64 -24.85 -7.34 -10.52
C GLY A 64 -23.94 -8.49 -10.12
N GLU A 65 -24.48 -9.70 -10.08
CA GLU A 65 -23.72 -10.88 -9.65
C GLU A 65 -22.31 -11.09 -10.19
N GLU A 66 -22.11 -10.90 -11.50
CA GLU A 66 -20.79 -11.11 -12.08
C GLU A 66 -19.84 -9.95 -11.92
N MET A 67 -20.41 -8.75 -11.80
CA MET A 67 -19.70 -7.51 -11.57
C MET A 67 -19.14 -7.58 -10.14
N MET A 68 -19.93 -8.14 -9.20
CA MET A 68 -19.57 -8.35 -7.80
C MET A 68 -18.44 -9.36 -7.65
N LYS A 69 -18.48 -10.48 -8.40
CA LYS A 69 -17.44 -11.51 -8.38
C LYS A 69 -16.09 -10.95 -8.86
N ARG A 70 -16.12 -10.03 -9.86
CA ARG A 70 -14.94 -9.37 -10.37
C ARG A 70 -14.42 -8.37 -9.31
N ALA A 71 -15.34 -7.56 -8.70
CA ALA A 71 -15.05 -6.56 -7.66
C ALA A 71 -14.40 -7.16 -6.40
N LEU A 72 -14.75 -8.42 -6.10
CA LEU A 72 -14.25 -9.14 -4.93
C LEU A 72 -13.03 -10.00 -5.21
N GLN A 73 -12.55 -9.96 -6.47
CA GLN A 73 -11.44 -10.77 -6.92
C GLN A 73 -10.19 -9.94 -7.21
N TYR A 74 -9.00 -10.58 -7.23
CA TYR A 74 -7.71 -9.99 -7.60
C TYR A 74 -7.84 -9.36 -9.00
N SER A 75 -7.07 -8.31 -9.26
CA SER A 75 -7.09 -7.60 -10.53
C SER A 75 -5.66 -7.10 -10.84
N PRO A 76 -5.36 -6.59 -12.07
CA PRO A 76 -3.97 -6.17 -12.37
C PRO A 76 -3.40 -5.12 -11.42
N SER A 77 -2.09 -5.23 -11.17
CA SER A 77 -1.31 -4.33 -10.32
C SER A 77 -1.42 -2.86 -10.71
N ALA A 78 -1.48 -2.56 -12.01
CA ALA A 78 -1.51 -1.19 -12.50
C ALA A 78 -2.92 -0.58 -12.47
N GLY A 79 -3.94 -1.39 -12.24
CA GLY A 79 -5.34 -0.97 -12.18
C GLY A 79 -6.23 -1.71 -13.17
N ILE A 80 -7.54 -1.53 -13.06
CA ILE A 80 -8.51 -2.15 -13.98
C ILE A 80 -8.44 -1.41 -15.33
N PRO A 81 -8.52 -2.13 -16.46
CA PRO A 81 -8.33 -1.45 -17.76
C PRO A 81 -9.26 -0.30 -18.10
N GLU A 82 -10.54 -0.37 -17.69
CA GLU A 82 -11.50 0.69 -17.97
C GLU A 82 -11.21 1.99 -17.23
N LEU A 83 -10.67 1.89 -16.00
CA LEU A 83 -10.29 3.08 -15.23
C LEU A 83 -9.00 3.66 -15.83
N LEU A 84 -8.04 2.81 -16.20
CA LEU A 84 -6.78 3.22 -16.83
C LEU A 84 -7.00 3.97 -18.12
N SER A 85 -7.88 3.44 -19.00
CA SER A 85 -8.14 4.10 -20.28
C SER A 85 -8.88 5.43 -20.09
N TRP A 86 -9.81 5.51 -19.13
CA TRP A 86 -10.55 6.75 -18.85
C TRP A 86 -9.60 7.82 -18.30
N LEU A 87 -8.69 7.43 -17.38
CA LEU A 87 -7.73 8.37 -16.79
C LEU A 87 -6.71 8.81 -17.81
N LYS A 88 -6.32 7.92 -18.76
CA LYS A 88 -5.37 8.23 -19.81
C LYS A 88 -5.94 9.31 -20.74
N GLN A 89 -7.24 9.18 -21.11
CA GLN A 89 -7.96 10.14 -21.95
C GLN A 89 -8.14 11.46 -21.21
N LEU A 90 -8.36 11.41 -19.89
CA LEU A 90 -8.48 12.60 -19.07
C LEU A 90 -7.17 13.43 -19.13
N GLN A 91 -6.02 12.75 -18.97
CA GLN A 91 -4.69 13.37 -19.00
C GLN A 91 -4.41 13.98 -20.35
N ILE A 92 -4.78 13.28 -21.43
CA ILE A 92 -4.59 13.79 -22.79
C ILE A 92 -5.46 15.03 -23.03
N LYS A 93 -6.74 15.01 -22.60
CA LYS A 93 -7.63 16.16 -22.79
C LYS A 93 -7.21 17.37 -21.96
N LEU A 94 -6.79 17.13 -20.71
CA LEU A 94 -6.41 18.19 -19.78
C LEU A 94 -5.00 18.72 -19.98
N HIS A 95 -4.04 17.84 -20.26
CA HIS A 95 -2.63 18.20 -20.35
C HIS A 95 -1.95 17.98 -21.68
N ASN A 96 -2.55 17.17 -22.59
CA ASN A 96 -2.01 16.85 -23.92
C ASN A 96 -0.47 16.72 -23.84
N PRO A 97 0.08 15.78 -23.03
CA PRO A 97 1.54 15.77 -22.84
C PRO A 97 2.33 15.45 -24.09
N PRO A 98 3.46 16.15 -24.34
CA PRO A 98 4.26 15.88 -25.54
C PRO A 98 4.73 14.43 -25.70
N THR A 99 4.79 13.68 -24.59
CA THR A 99 5.28 12.30 -24.52
C THR A 99 4.33 11.19 -24.97
N ILE A 100 3.04 11.50 -25.26
CA ILE A 100 2.03 10.48 -25.64
C ILE A 100 2.53 9.45 -26.66
N HIS A 101 3.03 9.91 -27.81
CA HIS A 101 3.49 9.02 -28.88
C HIS A 101 5.00 8.80 -28.98
N TYR A 102 5.72 9.09 -27.89
CA TYR A 102 7.16 8.84 -27.86
C TYR A 102 7.36 7.32 -27.77
N PRO A 103 8.46 6.72 -28.27
CA PRO A 103 8.65 5.27 -28.07
C PRO A 103 8.80 4.96 -26.55
N PRO A 104 8.45 3.75 -26.06
CA PRO A 104 8.56 3.48 -24.60
C PRO A 104 9.89 3.81 -23.93
N SER A 105 11.01 3.51 -24.59
CA SER A 105 12.36 3.77 -24.05
C SER A 105 12.66 5.27 -23.89
N GLN A 106 11.99 6.13 -24.70
CA GLN A 106 12.13 7.58 -24.70
C GLN A 106 11.18 8.29 -23.73
N GLY A 107 10.51 7.50 -22.87
CA GLY A 107 9.60 7.99 -21.85
C GLY A 107 8.17 8.24 -22.25
N GLN A 108 7.61 7.33 -23.09
CA GLN A 108 6.21 7.38 -23.52
C GLN A 108 5.33 7.52 -22.29
N MET A 109 4.30 8.37 -22.38
CA MET A 109 3.38 8.59 -21.29
C MET A 109 2.72 7.29 -20.89
N ASP A 110 2.80 6.97 -19.60
CA ASP A 110 2.17 5.79 -19.01
C ASP A 110 1.46 6.17 -17.73
N LEU A 111 0.53 5.33 -17.28
CA LEU A 111 -0.26 5.55 -16.08
C LEU A 111 -0.47 4.30 -15.32
N CYS A 112 -0.56 4.46 -13.99
CA CYS A 112 -0.95 3.38 -13.10
C CYS A 112 -1.84 3.92 -11.99
N VAL A 113 -2.78 3.11 -11.52
CA VAL A 113 -3.68 3.45 -10.42
C VAL A 113 -2.90 3.10 -9.13
N THR A 114 -2.95 3.97 -8.13
CA THR A 114 -2.27 3.77 -6.84
C THR A 114 -3.30 3.88 -5.69
N SER A 115 -2.96 3.39 -4.51
CA SER A 115 -3.79 3.46 -3.30
C SER A 115 -3.60 4.86 -2.68
N GLY A 116 -4.18 5.85 -3.33
CA GLY A 116 -4.10 7.26 -3.03
C GLY A 116 -2.88 7.83 -3.72
N SER A 117 -2.73 9.16 -3.78
CA SER A 117 -1.51 9.67 -4.38
C SER A 117 -0.29 9.44 -3.44
N GLN A 118 -0.53 9.20 -2.11
CA GLN A 118 0.55 8.94 -1.14
C GLN A 118 1.39 7.72 -1.54
N GLN A 119 0.73 6.63 -2.05
CA GLN A 119 1.42 5.42 -2.47
C GLN A 119 2.30 5.67 -3.67
N GLY A 120 1.78 6.41 -4.65
CA GLY A 120 2.50 6.79 -5.85
C GLY A 120 3.76 7.55 -5.52
N LEU A 121 3.67 8.60 -4.67
CA LEU A 121 4.80 9.40 -4.21
C LEU A 121 5.84 8.57 -3.51
N CYS A 122 5.40 7.74 -2.56
CA CYS A 122 6.23 6.84 -1.78
C CYS A 122 7.05 5.88 -2.68
N LYS A 123 6.41 5.25 -3.69
CA LYS A 123 7.06 4.31 -4.60
C LYS A 123 8.06 5.01 -5.51
N VAL A 124 7.75 6.27 -5.91
CA VAL A 124 8.61 7.14 -6.73
C VAL A 124 9.88 7.47 -5.95
N PHE A 125 9.75 7.93 -4.68
CA PHE A 125 10.89 8.27 -3.83
C PHE A 125 11.81 7.05 -3.59
N GLU A 126 11.22 5.87 -3.32
CA GLU A 126 11.95 4.62 -3.09
C GLU A 126 12.64 4.10 -4.37
N MET A 127 12.07 4.38 -5.56
CA MET A 127 12.65 4.02 -6.85
C MET A 127 13.94 4.85 -7.16
N ILE A 128 13.93 6.16 -6.89
CA ILE A 128 15.01 7.11 -7.18
C ILE A 128 16.08 7.27 -6.08
N ILE A 129 15.68 7.34 -4.80
CA ILE A 129 16.59 7.68 -3.71
C ILE A 129 17.56 6.65 -3.17
N ASN A 130 18.85 6.97 -3.31
CA ASN A 130 19.95 6.24 -2.69
C ASN A 130 20.38 7.09 -1.49
N PRO A 131 20.84 6.50 -0.38
CA PRO A 131 21.32 7.32 0.76
C PRO A 131 22.40 8.32 0.33
N GLY A 132 22.21 9.59 0.71
CA GLY A 132 23.13 10.68 0.39
C GLY A 132 22.76 11.50 -0.84
N ASP A 133 21.77 11.04 -1.65
CA ASP A 133 21.32 11.74 -2.85
C ASP A 133 20.74 13.11 -2.52
N ASN A 134 20.87 14.05 -3.46
CA ASN A 134 20.35 15.41 -3.30
C ASN A 134 19.01 15.52 -3.95
N VAL A 135 18.04 16.09 -3.21
CA VAL A 135 16.68 16.32 -3.67
C VAL A 135 16.29 17.77 -3.35
N LEU A 136 15.54 18.41 -4.24
CA LEU A 136 15.11 19.80 -4.05
C LEU A 136 13.60 19.86 -3.82
N LEU A 137 13.19 20.76 -2.92
CA LEU A 137 11.80 21.12 -2.65
C LEU A 137 11.71 22.44 -1.93
N ASP A 138 10.53 23.04 -1.94
CA ASP A 138 10.31 24.29 -1.22
C ASP A 138 9.61 24.02 0.11
N GLU A 139 10.20 24.53 1.20
CA GLU A 139 9.62 24.46 2.54
C GLU A 139 8.84 25.78 2.77
N PRO A 140 7.69 25.79 3.50
CA PRO A 140 6.99 24.64 4.09
C PRO A 140 6.42 23.69 3.04
N ALA A 141 6.52 22.38 3.31
CA ALA A 141 6.08 21.33 2.40
C ALA A 141 5.19 20.32 3.10
N TYR A 142 4.47 19.52 2.30
CA TYR A 142 3.57 18.48 2.79
C TYR A 142 4.33 17.53 3.73
N SER A 143 3.81 17.36 4.97
CA SER A 143 4.43 16.53 5.99
C SER A 143 4.59 15.08 5.60
N GLY A 144 3.67 14.57 4.77
CA GLY A 144 3.71 13.20 4.26
C GLY A 144 4.88 12.95 3.35
N THR A 145 5.36 13.99 2.63
CA THR A 145 6.54 13.81 1.78
C THR A 145 7.80 13.93 2.58
N LEU A 146 7.83 14.89 3.53
CA LEU A 146 8.96 15.06 4.42
C LEU A 146 9.17 13.80 5.26
N GLN A 147 8.06 13.22 5.79
CA GLN A 147 8.12 12.00 6.60
C GLN A 147 8.44 10.72 5.76
N SER A 148 8.32 10.78 4.40
CA SER A 148 8.67 9.70 3.46
C SER A 148 10.15 9.78 3.11
N LEU A 149 10.64 11.00 2.85
CA LEU A 149 12.00 11.30 2.45
C LEU A 149 13.02 11.13 3.56
N HIS A 150 12.70 11.59 4.77
CA HIS A 150 13.56 11.55 5.96
C HIS A 150 14.20 10.16 6.24
N PRO A 151 13.47 9.00 6.27
CA PRO A 151 14.16 7.72 6.52
C PRO A 151 15.05 7.24 5.37
N LEU A 152 14.86 7.80 4.15
CA LEU A 152 15.60 7.43 2.94
C LEU A 152 17.06 7.89 2.86
N GLY A 153 17.47 8.73 3.81
CA GLY A 153 18.84 9.23 3.92
C GLY A 153 19.29 10.21 2.86
N CYS A 154 18.34 10.92 2.24
CA CYS A 154 18.67 11.92 1.22
C CYS A 154 18.93 13.28 1.87
N ASN A 155 19.65 14.16 1.15
CA ASN A 155 19.87 15.52 1.62
C ASN A 155 18.79 16.37 0.98
N ILE A 156 17.93 16.96 1.81
CA ILE A 156 16.86 17.82 1.31
C ILE A 156 17.38 19.25 1.25
N ILE A 157 17.42 19.83 0.03
CA ILE A 157 17.85 21.20 -0.22
C ILE A 157 16.59 22.07 -0.41
N ASN A 158 16.39 23.03 0.51
CA ASN A 158 15.26 23.95 0.50
C ASN A 158 15.46 25.02 -0.56
N VAL A 159 14.43 25.22 -1.39
CA VAL A 159 14.37 26.21 -2.45
C VAL A 159 13.40 27.29 -1.95
N ALA A 160 13.77 28.56 -2.06
CA ALA A 160 12.91 29.65 -1.60
C ALA A 160 11.61 29.72 -2.38
N SER A 161 10.55 30.08 -1.69
CA SER A 161 9.21 30.25 -2.22
C SER A 161 8.58 31.54 -1.67
N ASP A 162 7.63 32.10 -2.42
CA ASP A 162 6.90 33.30 -2.04
C ASP A 162 5.39 33.06 -2.29
N GLU A 163 4.59 34.14 -2.49
CA GLU A 163 3.14 34.08 -2.77
C GLU A 163 2.81 33.29 -4.04
N SER A 164 3.79 33.21 -4.98
CA SER A 164 3.65 32.50 -6.27
C SER A 164 4.44 31.19 -6.36
N GLY A 165 4.66 30.51 -5.23
CA GLY A 165 5.38 29.25 -5.15
C GLY A 165 6.89 29.42 -5.26
N ILE A 166 7.59 28.38 -5.72
CA ILE A 166 9.05 28.37 -5.90
C ILE A 166 9.53 29.64 -6.61
N VAL A 167 10.63 30.23 -6.11
CA VAL A 167 11.22 31.41 -6.74
C VAL A 167 12.31 30.85 -7.67
N PRO A 168 12.13 30.91 -9.02
CA PRO A 168 13.14 30.34 -9.93
C PRO A 168 14.57 30.84 -9.72
N ASP A 169 14.74 32.10 -9.23
CA ASP A 169 16.04 32.71 -8.94
C ASP A 169 16.77 31.96 -7.82
N SER A 170 16.01 31.48 -6.81
CA SER A 170 16.51 30.69 -5.70
C SER A 170 17.03 29.35 -6.21
N LEU A 171 16.22 28.67 -7.06
CA LEU A 171 16.58 27.39 -7.69
C LEU A 171 17.84 27.55 -8.54
N ARG A 172 17.90 28.63 -9.36
CA ARG A 172 19.03 28.97 -10.22
C ARG A 172 20.32 29.16 -9.39
N ASP A 173 20.21 29.85 -8.23
CA ASP A 173 21.34 30.10 -7.32
C ASP A 173 21.84 28.82 -6.64
N ILE A 174 20.91 27.93 -6.22
CA ILE A 174 21.24 26.64 -5.60
C ILE A 174 22.00 25.75 -6.59
N LEU A 175 21.48 25.65 -7.84
CA LEU A 175 22.06 24.85 -8.91
C LEU A 175 23.41 25.35 -9.41
N SER A 176 23.73 26.64 -9.16
CA SER A 176 25.02 27.23 -9.57
C SER A 176 26.23 26.63 -8.84
N ARG A 177 26.02 25.80 -7.78
CA ARG A 177 27.14 25.15 -7.10
C ARG A 177 27.72 23.99 -7.94
N TRP A 178 26.94 23.53 -8.93
CA TRP A 178 27.32 22.51 -9.89
C TRP A 178 27.41 23.17 -11.27
N LYS A 179 28.05 22.47 -12.23
CA LYS A 179 28.12 22.92 -13.62
C LYS A 179 27.11 22.02 -14.36
N PRO A 180 26.35 22.51 -15.39
CA PRO A 180 25.38 21.64 -16.06
C PRO A 180 25.87 20.23 -16.42
N GLU A 181 27.14 20.11 -16.88
CA GLU A 181 27.80 18.86 -17.26
C GLU A 181 28.09 17.89 -16.11
N ASP A 182 27.97 18.35 -14.84
CA ASP A 182 28.15 17.54 -13.64
C ASP A 182 27.05 16.45 -13.47
N ALA A 183 25.89 16.61 -14.16
CA ALA A 183 24.78 15.66 -14.14
C ALA A 183 25.16 14.31 -14.79
N LYS A 184 26.18 14.31 -15.66
CA LYS A 184 26.71 13.14 -16.37
C LYS A 184 27.79 12.41 -15.54
N ASN A 185 28.18 13.00 -14.40
CA ASN A 185 29.19 12.45 -13.49
C ASN A 185 28.53 12.09 -12.15
N PRO A 186 28.38 10.78 -11.83
CA PRO A 186 27.68 10.41 -10.58
C PRO A 186 28.35 10.84 -9.27
N GLN A 187 29.69 11.07 -9.29
CA GLN A 187 30.43 11.51 -8.10
C GLN A 187 30.20 13.00 -7.79
N LYS A 188 29.57 13.74 -8.72
CA LYS A 188 29.27 15.15 -8.52
C LYS A 188 28.02 15.34 -7.65
N ASN A 189 27.17 14.28 -7.61
CA ASN A 189 25.95 14.20 -6.80
C ASN A 189 24.94 15.34 -7.05
N THR A 190 24.66 15.63 -8.34
CA THR A 190 23.68 16.63 -8.75
C THR A 190 22.27 16.18 -8.32
N PRO A 191 21.32 17.11 -8.07
CA PRO A 191 19.98 16.70 -7.63
C PRO A 191 19.28 15.70 -8.53
N LYS A 192 18.58 14.73 -7.93
CA LYS A 192 17.85 13.71 -8.69
C LYS A 192 16.53 14.26 -9.17
N PHE A 193 15.89 15.09 -8.34
CA PHE A 193 14.61 15.67 -8.68
C PHE A 193 14.28 16.91 -7.88
N LEU A 194 13.24 17.61 -8.36
CA LEU A 194 12.60 18.70 -7.68
C LEU A 194 11.18 18.23 -7.42
N TYR A 195 10.76 18.30 -6.15
CA TYR A 195 9.41 17.96 -5.76
C TYR A 195 8.62 19.25 -5.54
N THR A 196 7.40 19.32 -6.06
CA THR A 196 6.52 20.48 -5.85
C THR A 196 5.05 20.14 -5.91
N VAL A 197 4.24 20.92 -5.17
CA VAL A 197 2.78 20.90 -5.14
C VAL A 197 2.45 22.23 -5.82
N PRO A 198 2.23 22.22 -7.16
CA PRO A 198 2.06 23.49 -7.88
C PRO A 198 0.77 24.25 -7.68
N ASN A 199 -0.29 23.59 -7.18
CA ASN A 199 -1.56 24.27 -6.95
C ASN A 199 -1.99 24.09 -5.51
N GLY A 200 -2.17 25.21 -4.81
CA GLY A 200 -2.58 25.25 -3.41
C GLY A 200 -1.70 24.39 -2.54
N ASN A 201 -0.41 24.71 -2.54
CA ASN A 201 0.59 24.00 -1.77
C ASN A 201 0.12 23.70 -0.35
N ASN A 202 0.40 22.49 0.12
CA ASN A 202 0.12 22.09 1.49
C ASN A 202 1.45 22.39 2.22
N PRO A 203 1.51 23.40 3.12
CA PRO A 203 0.41 24.11 3.80
C PRO A 203 0.07 25.54 3.39
N THR A 204 0.85 26.17 2.51
CA THR A 204 0.71 27.60 2.17
C THR A 204 -0.55 28.07 1.47
N GLY A 205 -1.11 27.23 0.58
CA GLY A 205 -2.24 27.61 -0.24
C GLY A 205 -1.81 28.37 -1.49
N ASN A 206 -0.49 28.49 -1.71
CA ASN A 206 0.11 29.21 -2.84
C ASN A 206 0.28 28.34 -4.07
N SER A 207 0.13 28.95 -5.25
CA SER A 207 0.24 28.26 -6.53
C SER A 207 1.27 28.89 -7.42
N LEU A 208 1.96 28.05 -8.22
CA LEU A 208 2.95 28.49 -9.18
C LEU A 208 2.27 29.11 -10.37
N THR A 209 2.94 30.06 -11.01
CA THR A 209 2.44 30.72 -12.22
C THR A 209 2.99 29.91 -13.41
N SER A 210 2.40 30.11 -14.60
CA SER A 210 2.82 29.48 -15.87
C SER A 210 4.28 29.84 -16.19
N GLU A 211 4.65 31.13 -16.02
CA GLU A 211 5.98 31.68 -16.32
C GLU A 211 7.04 31.00 -15.47
N ARG A 212 6.78 30.87 -14.15
CA ARG A 212 7.69 30.22 -13.21
C ARG A 212 7.87 28.75 -13.51
N LYS A 213 6.78 28.05 -13.89
CA LYS A 213 6.82 26.64 -14.28
C LYS A 213 7.75 26.43 -15.48
N LYS A 214 7.66 27.34 -16.48
CA LYS A 214 8.51 27.33 -17.68
C LYS A 214 9.99 27.52 -17.31
N GLU A 215 10.28 28.44 -16.35
CA GLU A 215 11.63 28.74 -15.85
C GLU A 215 12.20 27.54 -15.06
N ILE A 216 11.36 26.92 -14.22
CA ILE A 216 11.74 25.77 -13.41
C ILE A 216 12.02 24.58 -14.34
N TYR A 217 11.19 24.39 -15.38
CA TYR A 217 11.38 23.32 -16.36
C TYR A 217 12.71 23.49 -17.11
N GLU A 218 13.07 24.73 -17.51
CA GLU A 218 14.34 24.95 -18.20
C GLU A 218 15.57 24.68 -17.34
N LEU A 219 15.47 24.92 -16.01
CA LEU A 219 16.53 24.60 -15.06
C LEU A 219 16.64 23.09 -14.86
N ALA A 220 15.48 22.38 -14.92
CA ALA A 220 15.40 20.92 -14.83
C ALA A 220 16.08 20.24 -16.04
N ARG A 221 15.96 20.82 -17.25
CA ARG A 221 16.64 20.32 -18.46
C ARG A 221 18.13 20.55 -18.35
N LYS A 222 18.53 21.80 -18.00
CA LYS A 222 19.91 22.26 -17.88
C LYS A 222 20.74 21.41 -16.92
N TYR A 223 20.18 21.09 -15.74
CA TYR A 223 20.86 20.29 -14.72
C TYR A 223 20.39 18.84 -14.69
N ASP A 224 19.61 18.44 -15.72
CA ASP A 224 19.05 17.10 -15.91
C ASP A 224 18.46 16.41 -14.66
N PHE A 225 17.44 17.04 -14.07
CA PHE A 225 16.78 16.39 -12.95
C PHE A 225 15.30 16.20 -13.27
N LEU A 226 14.63 15.28 -12.57
CA LEU A 226 13.20 15.03 -12.78
C LEU A 226 12.39 16.05 -12.01
N ILE A 227 11.10 16.15 -12.34
CA ILE A 227 10.17 17.02 -11.64
C ILE A 227 9.08 16.11 -11.13
N ILE A 228 8.84 16.13 -9.81
CA ILE A 228 7.77 15.36 -9.21
C ILE A 228 6.68 16.37 -8.92
N GLU A 229 5.66 16.37 -9.79
CA GLU A 229 4.49 17.26 -9.72
C GLU A 229 3.37 16.57 -8.92
N ASP A 230 3.33 16.84 -7.62
CA ASP A 230 2.31 16.29 -6.72
C ASP A 230 1.16 17.30 -6.75
N ASP A 231 0.08 16.99 -7.49
CA ASP A 231 -1.02 17.93 -7.70
C ASP A 231 -2.40 17.43 -7.21
N PRO A 232 -2.61 17.11 -5.90
CA PRO A 232 -3.96 16.66 -5.47
C PRO A 232 -5.04 17.75 -5.45
N TYR A 233 -4.66 19.06 -5.48
CA TYR A 233 -5.56 20.22 -5.44
C TYR A 233 -5.71 20.85 -6.80
N TYR A 234 -5.30 20.11 -7.85
CA TYR A 234 -5.40 20.53 -9.26
C TYR A 234 -6.85 20.92 -9.62
N PHE A 235 -7.84 20.13 -9.16
CA PHE A 235 -9.26 20.40 -9.45
C PHE A 235 -9.92 21.30 -8.38
N LEU A 236 -9.11 22.00 -7.55
CA LEU A 236 -9.59 22.89 -6.48
C LEU A 236 -9.00 24.30 -6.64
N GLN A 237 -8.74 24.72 -7.90
CA GLN A 237 -8.20 26.04 -8.22
C GLN A 237 -9.32 27.07 -8.18
N PHE A 238 -9.08 28.20 -7.48
CA PHE A 238 -10.06 29.29 -7.32
C PHE A 238 -9.92 30.37 -8.39
N ASN A 239 -8.76 30.42 -9.03
CA ASN A 239 -8.43 31.33 -10.12
C ASN A 239 -9.17 30.92 -11.39
N SER A 240 -9.59 31.92 -12.18
CA SER A 240 -10.26 31.68 -13.45
C SER A 240 -9.24 31.16 -14.48
N GLY A 241 -9.57 30.04 -15.12
CA GLY A 241 -8.74 29.39 -16.12
C GLY A 241 -7.48 28.76 -15.55
N ARG A 242 -7.44 27.40 -15.53
CA ARG A 242 -6.30 26.64 -15.00
C ARG A 242 -4.97 26.98 -15.69
N VAL A 243 -3.89 26.97 -14.89
CA VAL A 243 -2.52 27.23 -15.29
C VAL A 243 -1.99 25.92 -15.90
N PRO A 244 -1.21 25.94 -17.02
CA PRO A 244 -0.68 24.67 -17.55
C PRO A 244 0.19 23.94 -16.53
N THR A 245 0.12 22.60 -16.53
CA THR A 245 0.89 21.77 -15.61
C THR A 245 2.31 21.56 -16.16
N PHE A 246 3.20 20.99 -15.33
CA PHE A 246 4.55 20.63 -15.76
C PHE A 246 4.45 19.48 -16.76
N LEU A 247 3.46 18.58 -16.55
CA LEU A 247 3.18 17.46 -17.44
C LEU A 247 2.88 17.93 -18.87
N SER A 248 2.07 19.00 -19.03
CA SER A 248 1.72 19.60 -20.33
C SER A 248 2.90 20.16 -21.12
N MET A 249 3.98 20.55 -20.41
CA MET A 249 5.18 21.09 -21.05
C MET A 249 6.36 20.11 -21.06
N ASP A 250 6.11 18.84 -20.67
CA ASP A 250 7.12 17.80 -20.57
C ASP A 250 7.62 17.23 -21.92
N VAL A 251 8.40 18.04 -22.65
CA VAL A 251 9.02 17.67 -23.93
C VAL A 251 10.10 16.57 -23.72
N ASP A 252 10.80 16.60 -22.57
CA ASP A 252 11.89 15.67 -22.27
C ASP A 252 11.52 14.31 -21.71
N GLY A 253 10.33 14.22 -21.10
CA GLY A 253 9.92 13.00 -20.41
C GLY A 253 10.61 12.97 -19.06
N ARG A 254 10.63 14.11 -18.36
CA ARG A 254 11.26 14.25 -17.05
C ARG A 254 10.24 14.52 -15.95
N VAL A 255 8.95 14.53 -16.28
CA VAL A 255 7.92 14.79 -15.27
C VAL A 255 7.21 13.52 -14.81
N ILE A 256 7.12 13.33 -13.48
CA ILE A 256 6.29 12.31 -12.85
C ILE A 256 5.19 13.11 -12.14
N ARG A 257 3.95 12.87 -12.52
CA ARG A 257 2.81 13.56 -11.95
C ARG A 257 1.96 12.62 -11.09
N ALA A 258 1.63 13.06 -9.88
CA ALA A 258 0.74 12.35 -8.97
C ALA A 258 -0.59 13.11 -8.91
N ASP A 259 -1.68 12.40 -9.13
CA ASP A 259 -3.04 12.93 -9.09
C ASP A 259 -3.81 12.12 -8.06
N SER A 260 -4.83 12.72 -7.48
CA SER A 260 -5.63 12.06 -6.48
C SER A 260 -7.11 12.32 -6.69
N PHE A 261 -7.95 11.39 -6.21
CA PHE A 261 -9.41 11.51 -6.18
C PHE A 261 -9.85 11.86 -4.77
N SER A 262 -8.90 11.89 -3.82
CA SER A 262 -9.14 12.11 -2.40
C SER A 262 -9.82 13.41 -2.06
N LYS A 263 -9.51 14.46 -2.82
CA LYS A 263 -10.02 15.81 -2.59
C LYS A 263 -11.30 16.13 -3.34
N ILE A 264 -11.58 15.43 -4.45
CA ILE A 264 -12.77 15.66 -5.27
C ILE A 264 -13.81 14.57 -5.25
N ILE A 265 -13.41 13.32 -5.04
CA ILE A 265 -14.38 12.22 -5.06
C ILE A 265 -14.50 11.50 -3.72
N SER A 266 -13.40 10.95 -3.20
CA SER A 266 -13.38 10.24 -1.94
C SER A 266 -11.98 9.92 -1.53
N SER A 267 -11.68 10.25 -0.27
CA SER A 267 -10.39 10.04 0.36
C SER A 267 -10.26 8.66 0.97
N GLY A 268 -11.37 8.10 1.46
CA GLY A 268 -11.45 6.80 2.09
C GLY A 268 -11.37 5.63 1.14
N LEU A 269 -11.66 5.87 -0.16
CA LEU A 269 -11.56 4.83 -1.19
C LEU A 269 -10.13 4.50 -1.58
N ARG A 270 -9.17 5.37 -1.20
CA ARG A 270 -7.73 5.21 -1.47
C ARG A 270 -7.45 4.99 -2.96
N ILE A 271 -7.84 5.95 -3.79
CA ILE A 271 -7.63 5.88 -5.24
C ILE A 271 -6.96 7.15 -5.76
N GLY A 272 -5.79 6.95 -6.33
CA GLY A 272 -5.00 7.97 -6.97
C GLY A 272 -4.36 7.38 -8.21
N PHE A 273 -3.56 8.19 -8.89
CA PHE A 273 -2.89 7.73 -10.10
C PHE A 273 -1.66 8.49 -10.36
N LEU A 274 -0.72 7.83 -11.04
CA LEU A 274 0.58 8.35 -11.37
C LEU A 274 0.71 8.37 -12.88
N THR A 275 1.20 9.49 -13.42
CA THR A 275 1.43 9.70 -14.85
C THR A 275 2.92 10.07 -15.01
N GLY A 276 3.58 9.42 -15.94
CA GLY A 276 4.98 9.69 -16.19
C GLY A 276 5.59 8.79 -17.24
N PRO A 277 6.93 8.84 -17.36
CA PRO A 277 7.60 8.04 -18.39
C PRO A 277 7.40 6.55 -18.15
N LYS A 278 7.09 5.80 -19.23
CA LYS A 278 6.89 4.35 -19.17
C LYS A 278 8.00 3.59 -18.41
N PRO A 279 9.33 3.85 -18.59
CA PRO A 279 10.34 3.07 -17.82
C PRO A 279 10.29 3.33 -16.31
N LEU A 280 9.77 4.50 -15.92
CA LEU A 280 9.67 4.86 -14.52
C LEU A 280 8.39 4.31 -13.93
N ILE A 281 7.28 4.41 -14.66
CA ILE A 281 5.97 3.88 -14.24
C ILE A 281 6.04 2.37 -14.06
N GLU A 282 6.79 1.68 -14.94
CA GLU A 282 6.99 0.23 -14.91
C GLU A 282 7.66 -0.19 -13.58
N ARG A 283 8.70 0.55 -13.12
CA ARG A 283 9.39 0.32 -11.85
C ARG A 283 8.42 0.44 -10.66
N VAL A 284 7.53 1.46 -10.72
CA VAL A 284 6.52 1.73 -9.69
C VAL A 284 5.51 0.59 -9.58
N ILE A 285 4.98 0.10 -10.74
CA ILE A 285 4.02 -1.00 -10.80
C ILE A 285 4.62 -2.25 -10.15
N LEU A 286 5.91 -2.55 -10.46
CA LEU A 286 6.62 -3.71 -9.92
C LEU A 286 6.75 -3.63 -8.41
N HIS A 287 6.95 -2.44 -7.86
CA HIS A 287 7.04 -2.25 -6.42
C HIS A 287 5.67 -2.43 -5.78
N ILE A 288 4.61 -1.91 -6.43
CA ILE A 288 3.22 -2.05 -5.99
C ILE A 288 2.83 -3.53 -5.94
N GLN A 289 3.21 -4.28 -6.97
CA GLN A 289 2.97 -5.72 -7.10
C GLN A 289 3.43 -6.51 -5.86
N VAL A 290 4.56 -6.13 -5.23
CA VAL A 290 5.10 -6.81 -4.04
C VAL A 290 4.66 -6.16 -2.73
N SER A 291 3.97 -5.03 -2.79
CA SER A 291 3.49 -4.36 -1.57
C SER A 291 2.00 -4.55 -1.35
N THR A 292 1.15 -3.99 -2.16
CA THR A 292 -0.31 -4.14 -1.99
C THR A 292 -0.96 -5.08 -3.01
N LEU A 293 -0.18 -5.61 -3.98
CA LEU A 293 -0.60 -6.45 -5.13
C LEU A 293 -1.30 -5.57 -6.15
N HIS A 294 -2.37 -4.89 -5.75
CA HIS A 294 -3.13 -3.99 -6.60
C HIS A 294 -4.06 -3.09 -5.77
N PRO A 295 -4.57 -1.97 -6.31
CA PRO A 295 -5.57 -1.18 -5.57
C PRO A 295 -6.90 -1.94 -5.55
N SER A 296 -7.71 -1.79 -4.49
CA SER A 296 -9.01 -2.46 -4.32
C SER A 296 -9.78 -2.52 -5.64
N THR A 297 -10.20 -3.74 -6.06
CA THR A 297 -10.95 -3.87 -7.31
C THR A 297 -12.33 -3.23 -7.15
N PHE A 298 -12.97 -3.48 -6.00
CA PHE A 298 -14.30 -2.95 -5.64
C PHE A 298 -14.34 -1.40 -5.76
N ASN A 299 -13.38 -0.70 -5.13
CA ASN A 299 -13.31 0.76 -5.15
C ASN A 299 -13.00 1.34 -6.53
N GLN A 300 -12.20 0.64 -7.34
CA GLN A 300 -11.88 1.07 -8.70
C GLN A 300 -13.16 0.98 -9.57
N LEU A 301 -13.94 -0.11 -9.41
CA LEU A 301 -15.20 -0.38 -10.09
C LEU A 301 -16.28 0.65 -9.68
N MET A 302 -16.31 1.09 -8.42
CA MET A 302 -17.21 2.14 -7.92
C MET A 302 -16.94 3.43 -8.65
N ILE A 303 -15.65 3.86 -8.70
CA ILE A 303 -15.19 5.06 -9.41
C ILE A 303 -15.42 4.95 -10.91
N SER A 304 -15.03 3.82 -11.50
CA SER A 304 -15.24 3.53 -12.92
C SER A 304 -16.74 3.63 -13.33
N GLN A 305 -17.63 3.00 -12.56
CA GLN A 305 -19.07 3.02 -12.86
C GLN A 305 -19.64 4.43 -12.73
N LEU A 306 -19.15 5.21 -11.74
CA LEU A 306 -19.56 6.60 -11.54
C LEU A 306 -19.15 7.45 -12.75
N LEU A 307 -17.87 7.30 -13.20
CA LEU A 307 -17.31 8.00 -14.37
C LEU A 307 -18.04 7.61 -15.65
N HIS A 308 -18.53 6.36 -15.75
CA HIS A 308 -19.36 5.83 -16.87
C HIS A 308 -20.77 6.47 -16.87
N GLU A 309 -21.38 6.63 -15.67
CA GLU A 309 -22.70 7.28 -15.52
C GLU A 309 -22.59 8.78 -15.86
N TRP A 310 -21.59 9.44 -15.30
CA TRP A 310 -21.32 10.85 -15.42
C TRP A 310 -20.89 11.35 -16.80
N GLY A 311 -19.89 10.65 -17.37
CA GLY A 311 -19.21 11.07 -18.58
C GLY A 311 -18.23 12.17 -18.21
N GLU A 312 -17.51 12.71 -19.19
CA GLU A 312 -16.63 13.85 -18.95
C GLU A 312 -17.49 15.05 -18.43
N GLU A 313 -18.72 15.21 -18.99
CA GLU A 313 -19.68 16.27 -18.61
C GLU A 313 -20.03 16.26 -17.10
N GLY A 314 -20.50 15.12 -16.59
CA GLY A 314 -20.86 14.95 -15.19
C GLY A 314 -19.70 15.10 -14.23
N PHE A 315 -18.50 14.66 -14.65
CA PHE A 315 -17.28 14.79 -13.86
C PHE A 315 -16.92 16.26 -13.75
N MET A 316 -16.91 16.96 -14.91
CA MET A 316 -16.58 18.38 -14.95
C MET A 316 -17.59 19.25 -14.20
N ALA A 317 -18.89 18.85 -14.17
CA ALA A 317 -19.94 19.59 -13.45
C ALA A 317 -19.73 19.38 -11.95
N HIS A 318 -19.34 18.17 -11.55
CA HIS A 318 -19.03 17.87 -10.14
C HIS A 318 -17.83 18.71 -9.67
N VAL A 319 -16.75 18.79 -10.47
CA VAL A 319 -15.60 19.63 -10.08
C VAL A 319 -15.98 21.09 -9.94
N ASP A 320 -16.87 21.61 -10.81
CA ASP A 320 -17.37 23.00 -10.75
C ASP A 320 -18.12 23.25 -9.45
N ARG A 321 -18.95 22.29 -9.01
CA ARG A 321 -19.71 22.38 -7.75
C ARG A 321 -18.77 22.31 -6.55
N VAL A 322 -17.72 21.47 -6.66
CA VAL A 322 -16.68 21.30 -5.65
C VAL A 322 -15.85 22.57 -5.48
N ILE A 323 -15.41 23.20 -6.60
CA ILE A 323 -14.67 24.48 -6.61
C ILE A 323 -15.54 25.57 -5.95
N ASP A 324 -16.81 25.66 -6.35
CA ASP A 324 -17.74 26.65 -5.84
C ASP A 324 -17.92 26.56 -4.33
N PHE A 325 -18.04 25.33 -3.79
CA PHE A 325 -18.20 25.09 -2.37
C PHE A 325 -16.96 25.52 -1.56
N TYR A 326 -15.76 25.10 -2.01
CA TYR A 326 -14.50 25.46 -1.35
C TYR A 326 -14.15 26.92 -1.46
N SER A 327 -14.60 27.59 -2.53
CA SER A 327 -14.38 29.02 -2.77
C SER A 327 -15.16 29.82 -1.73
N ASN A 328 -16.38 29.36 -1.40
CA ASN A 328 -17.22 29.98 -0.39
C ASN A 328 -16.65 29.73 1.00
N GLN A 329 -16.05 28.54 1.22
CA GLN A 329 -15.39 28.16 2.48
C GLN A 329 -14.17 29.03 2.68
N LYS A 330 -13.40 29.28 1.60
CA LYS A 330 -12.23 30.16 1.59
C LYS A 330 -12.64 31.58 2.01
N ASP A 331 -13.73 32.12 1.40
CA ASP A 331 -14.27 33.45 1.75
C ASP A 331 -14.69 33.52 3.21
N ALA A 332 -15.35 32.46 3.71
CA ALA A 332 -15.80 32.38 5.10
C ALA A 332 -14.62 32.41 6.09
N ILE A 333 -13.51 31.69 5.78
CA ILE A 333 -12.33 31.68 6.66
C ILE A 333 -11.60 33.01 6.63
N LEU A 334 -11.57 33.67 5.45
CA LEU A 334 -10.96 34.98 5.21
C LEU A 334 -11.73 36.04 6.00
N ALA A 335 -13.07 36.00 5.97
CA ALA A 335 -13.96 36.90 6.72
C ALA A 335 -13.76 36.73 8.22
N ALA A 336 -13.62 35.47 8.70
CA ALA A 336 -13.35 35.16 10.13
C ALA A 336 -11.99 35.70 10.57
N ALA A 337 -10.96 35.57 9.68
CA ALA A 337 -9.59 36.06 9.94
C ALA A 337 -9.56 37.60 9.94
N ASP A 338 -10.31 38.26 9.02
CA ASP A 338 -10.40 39.73 8.97
C ASP A 338 -11.00 40.28 10.27
N LYS A 339 -12.09 39.65 10.74
CA LYS A 339 -12.84 40.03 11.94
C LYS A 339 -12.06 39.87 13.26
N TRP A 340 -11.34 38.75 13.45
CA TRP A 340 -10.64 38.43 14.70
C TRP A 340 -9.13 38.50 14.70
N LEU A 341 -8.48 38.29 13.55
CA LEU A 341 -7.03 38.20 13.49
C LEU A 341 -6.30 39.46 13.04
N THR A 342 -7.01 40.45 12.48
CA THR A 342 -6.39 41.69 11.99
C THR A 342 -5.61 42.37 13.10
N GLY A 343 -4.33 42.61 12.86
CA GLY A 343 -3.42 43.25 13.79
C GLY A 343 -2.61 42.25 14.60
N LEU A 344 -3.09 40.98 14.69
CA LEU A 344 -2.45 39.88 15.45
C LEU A 344 -1.72 38.90 14.59
N ALA A 345 -2.12 38.80 13.31
CA ALA A 345 -1.58 37.80 12.41
C ALA A 345 -1.50 38.27 10.96
N GLU A 346 -0.73 37.52 10.15
CA GLU A 346 -0.54 37.78 8.72
C GLU A 346 -0.98 36.56 7.93
N TRP A 347 -1.58 36.81 6.76
CA TRP A 347 -2.03 35.79 5.82
C TRP A 347 -2.35 36.49 4.51
N HIS A 348 -2.49 35.72 3.43
CA HIS A 348 -2.98 36.24 2.17
C HIS A 348 -3.98 35.23 1.60
N VAL A 349 -4.59 35.55 0.47
CA VAL A 349 -5.60 34.73 -0.15
C VAL A 349 -5.01 33.43 -0.74
N PRO A 350 -5.47 32.22 -0.30
CA PRO A 350 -5.02 30.98 -0.94
C PRO A 350 -5.47 30.95 -2.41
N ALA A 351 -4.62 30.43 -3.32
CA ALA A 351 -4.95 30.36 -4.76
C ALA A 351 -5.75 29.11 -5.12
N ALA A 352 -5.60 28.04 -4.32
CA ALA A 352 -6.26 26.74 -4.51
C ALA A 352 -6.24 25.96 -3.21
N GLY A 353 -6.90 24.82 -3.19
CA GLY A 353 -6.89 23.90 -2.06
C GLY A 353 -7.84 24.18 -0.91
N MET A 354 -7.42 23.74 0.29
CA MET A 354 -8.26 23.82 1.47
C MET A 354 -7.58 24.40 2.70
N PHE A 355 -6.45 25.09 2.54
CA PHE A 355 -5.71 25.63 3.68
C PHE A 355 -5.43 27.12 3.68
N LEU A 356 -5.47 27.70 4.88
CA LEU A 356 -5.08 29.07 5.15
C LEU A 356 -3.83 28.97 6.04
N TRP A 357 -2.73 29.59 5.59
CA TRP A 357 -1.43 29.63 6.24
C TRP A 357 -1.31 31.00 6.91
N ILE A 358 -1.28 31.01 8.25
CA ILE A 358 -1.29 32.21 9.09
C ILE A 358 0.02 32.36 9.84
N LYS A 359 0.59 33.56 9.84
CA LYS A 359 1.80 33.87 10.60
C LYS A 359 1.36 34.70 11.81
N VAL A 360 1.62 34.21 13.03
CA VAL A 360 1.30 34.96 14.26
C VAL A 360 2.37 36.02 14.46
N LYS A 361 1.95 37.29 14.53
CA LYS A 361 2.80 38.49 14.60
C LYS A 361 3.99 38.57 15.57
N GLY A 362 3.80 38.31 16.85
CA GLY A 362 4.92 38.48 17.80
C GLY A 362 5.28 37.28 18.65
N ILE A 363 5.13 36.08 18.08
CA ILE A 363 5.41 34.81 18.76
C ILE A 363 6.46 34.06 17.94
N ASN A 364 7.54 33.62 18.59
CA ASN A 364 8.61 32.87 17.94
C ASN A 364 8.17 31.42 17.65
N ASP A 365 7.52 30.74 18.62
CA ASP A 365 7.05 29.37 18.51
C ASP A 365 5.59 29.23 18.94
N VAL A 366 4.74 28.87 17.97
CA VAL A 366 3.29 28.69 18.10
C VAL A 366 2.92 27.26 18.62
N LYS A 367 3.90 26.33 18.64
CA LYS A 367 3.71 24.94 19.06
C LYS A 367 3.01 24.76 20.40
N GLU A 368 3.41 25.53 21.44
CA GLU A 368 2.72 25.43 22.74
C GLU A 368 1.31 26.04 22.74
N LEU A 369 1.09 27.11 21.94
CA LEU A 369 -0.20 27.82 21.78
C LEU A 369 -1.24 26.88 21.11
N ILE A 370 -0.80 26.14 20.08
CA ILE A 370 -1.63 25.22 19.33
C ILE A 370 -1.76 23.82 19.95
N GLU A 371 -0.63 23.20 20.34
CA GLU A 371 -0.63 21.85 20.94
C GLU A 371 -1.23 21.78 22.35
N GLU A 372 -1.06 22.83 23.17
CA GLU A 372 -1.58 22.81 24.55
C GLU A 372 -2.84 23.65 24.73
N LYS A 373 -2.66 24.99 24.71
CA LYS A 373 -3.68 26.02 24.91
C LYS A 373 -4.90 25.91 24.00
N ALA A 374 -4.70 25.76 22.66
CA ALA A 374 -5.80 25.66 21.69
C ALA A 374 -6.64 24.39 21.83
N VAL A 375 -5.97 23.22 22.02
CA VAL A 375 -6.62 21.91 22.21
C VAL A 375 -7.51 21.94 23.48
N LYS A 376 -7.02 22.58 24.56
CA LYS A 376 -7.72 22.74 25.84
C LYS A 376 -9.01 23.55 25.65
N MET A 377 -8.98 24.55 24.74
CA MET A 377 -10.13 25.43 24.45
C MET A 377 -11.13 24.85 23.43
N GLY A 378 -10.83 23.66 22.90
CA GLY A 378 -11.66 22.94 21.92
C GLY A 378 -11.44 23.30 20.46
N VAL A 379 -10.27 23.84 20.11
CA VAL A 379 -9.94 24.27 18.74
C VAL A 379 -8.70 23.54 18.24
N LEU A 380 -8.82 22.84 17.10
CA LEU A 380 -7.73 22.08 16.48
C LEU A 380 -7.20 22.68 15.18
N MET A 381 -5.90 22.98 15.17
CA MET A 381 -5.13 23.51 14.04
C MET A 381 -3.77 22.83 14.03
N LEU A 382 -2.99 23.00 12.97
CA LEU A 382 -1.67 22.39 12.93
C LEU A 382 -0.58 23.45 13.07
N PRO A 383 0.44 23.24 13.95
CA PRO A 383 1.54 24.22 14.04
C PRO A 383 2.43 24.10 12.81
N GLY A 384 3.10 25.18 12.44
CA GLY A 384 3.94 25.22 11.25
C GLY A 384 5.08 24.23 11.22
N ASN A 385 5.61 23.88 12.41
CA ASN A 385 6.73 22.95 12.68
C ASN A 385 6.66 21.68 11.86
N ALA A 386 5.43 21.11 11.73
CA ALA A 386 5.10 19.90 10.99
C ALA A 386 5.44 19.94 9.50
N PHE A 387 5.63 21.15 8.92
CA PHE A 387 5.85 21.33 7.50
C PHE A 387 7.26 21.69 7.06
N TYR A 388 8.23 21.54 7.99
CA TYR A 388 9.64 21.81 7.75
C TYR A 388 10.45 20.54 8.00
N VAL A 389 11.62 20.43 7.33
CA VAL A 389 12.60 19.32 7.47
C VAL A 389 13.05 19.31 8.93
N ASP A 390 13.36 20.51 9.46
CA ASP A 390 13.73 20.71 10.84
C ASP A 390 12.45 21.11 11.59
N SER A 391 11.70 20.09 12.04
CA SER A 391 10.44 20.25 12.78
C SER A 391 10.64 20.70 14.23
N SER A 392 11.90 20.66 14.72
CA SER A 392 12.26 21.07 16.09
C SER A 392 12.48 22.59 16.16
N ALA A 393 12.69 23.23 15.00
CA ALA A 393 12.89 24.67 14.89
C ALA A 393 11.58 25.41 15.25
N PRO A 394 11.66 26.58 15.93
CA PRO A 394 10.43 27.30 16.30
C PRO A 394 9.70 27.82 15.07
N SER A 395 8.37 27.86 15.12
CA SER A 395 7.59 28.35 14.00
C SER A 395 6.50 29.34 14.43
N PRO A 396 6.41 30.53 13.81
CA PRO A 396 5.31 31.46 14.14
C PRO A 396 4.02 31.17 13.35
N TYR A 397 4.05 30.13 12.50
CA TYR A 397 2.97 29.77 11.58
C TYR A 397 2.04 28.70 12.04
N LEU A 398 0.81 28.75 11.53
CA LEU A 398 -0.18 27.70 11.76
C LEU A 398 -0.96 27.42 10.49
N ARG A 399 -1.41 26.18 10.31
CA ARG A 399 -2.23 25.78 9.16
C ARG A 399 -3.66 25.59 9.64
N ALA A 400 -4.60 26.30 9.00
CA ALA A 400 -6.03 26.19 9.27
C ALA A 400 -6.71 25.71 7.99
N SER A 401 -7.39 24.58 8.09
CA SER A 401 -8.11 24.00 6.96
C SER A 401 -9.51 24.56 6.93
N PHE A 402 -9.97 24.98 5.74
CA PHE A 402 -11.34 25.49 5.57
C PHE A 402 -12.25 24.48 4.86
N SER A 403 -11.82 23.23 4.76
CA SER A 403 -12.60 22.20 4.08
C SER A 403 -13.92 21.80 4.71
N SER A 404 -14.00 21.76 6.03
CA SER A 404 -15.20 21.22 6.69
C SER A 404 -15.90 22.02 7.74
N ALA A 405 -15.22 22.94 8.41
CA ALA A 405 -15.88 23.75 9.43
C ALA A 405 -16.86 24.70 8.79
N SER A 406 -17.97 24.96 9.47
CA SER A 406 -18.98 25.92 9.03
C SER A 406 -18.46 27.36 9.26
N PRO A 407 -19.00 28.41 8.57
CA PRO A 407 -18.55 29.80 8.84
C PRO A 407 -18.62 30.23 10.31
N GLU A 408 -19.64 29.76 11.03
CA GLU A 408 -19.85 30.09 12.45
C GLU A 408 -18.83 29.41 13.35
N GLN A 409 -18.38 28.19 12.94
CA GLN A 409 -17.36 27.44 13.67
C GLN A 409 -16.01 28.13 13.48
N MET A 410 -15.76 28.66 12.25
CA MET A 410 -14.55 29.41 11.90
C MET A 410 -14.49 30.69 12.76
N ASP A 411 -15.64 31.38 12.92
CA ASP A 411 -15.79 32.59 13.73
C ASP A 411 -15.39 32.34 15.21
N VAL A 412 -15.96 31.30 15.85
CA VAL A 412 -15.67 30.90 17.23
C VAL A 412 -14.19 30.44 17.34
N ALA A 413 -13.70 29.63 16.38
CA ALA A 413 -12.31 29.15 16.33
C ALA A 413 -11.29 30.31 16.31
N PHE A 414 -11.52 31.33 15.47
CA PHE A 414 -10.64 32.50 15.35
C PHE A 414 -10.73 33.45 16.50
N GLN A 415 -11.90 33.52 17.13
CA GLN A 415 -12.18 34.30 18.33
C GLN A 415 -11.36 33.71 19.48
N VAL A 416 -11.31 32.35 19.59
CA VAL A 416 -10.51 31.62 20.58
C VAL A 416 -9.00 31.86 20.33
N LEU A 417 -8.55 31.69 19.07
CA LEU A 417 -7.16 31.90 18.61
C LEU A 417 -6.69 33.31 18.98
N ALA A 418 -7.49 34.34 18.65
CA ALA A 418 -7.22 35.75 18.93
C ALA A 418 -6.94 35.97 20.40
N GLN A 419 -7.78 35.35 21.28
CA GLN A 419 -7.69 35.46 22.73
C GLN A 419 -6.40 34.81 23.21
N LEU A 420 -6.06 33.63 22.68
CA LEU A 420 -4.83 32.94 23.05
C LEU A 420 -3.57 33.70 22.65
N ILE A 421 -3.60 34.38 21.49
CA ILE A 421 -2.50 35.22 20.99
C ILE A 421 -2.30 36.42 21.92
N LYS A 422 -3.39 37.16 22.23
CA LYS A 422 -3.37 38.34 23.10
C LYS A 422 -2.78 37.99 24.47
N GLU A 423 -3.20 36.85 25.06
CA GLU A 423 -2.73 36.30 26.33
C GLU A 423 -1.22 36.01 26.29
N SER A 424 -0.72 35.60 25.11
CA SER A 424 0.69 35.29 24.90
C SER A 424 1.54 36.55 24.65
N LEU A 425 0.93 37.65 24.14
CA LEU A 425 1.63 38.92 23.84
C LEU A 425 1.67 39.87 25.03
N LEU A 426 0.55 40.01 25.76
CA LEU A 426 0.39 40.92 26.90
C LEU A 426 1.40 40.73 28.01
N VAL A 427 1.89 39.50 28.21
CA VAL A 427 2.91 39.19 29.22
C VAL A 427 4.26 39.91 28.91
N PRO A 428 4.77 40.79 29.81
CA PRO A 428 6.03 41.51 29.52
C PRO A 428 7.27 40.62 29.47
N MET B 1 15.26 -9.61 25.58
CA MET B 1 15.03 -9.49 24.14
C MET B 1 14.47 -8.11 23.71
N ASN B 2 15.34 -7.30 23.08
CA ASN B 2 15.00 -5.99 22.53
C ASN B 2 14.84 -6.18 21.04
N TYR B 3 13.91 -5.43 20.48
CA TYR B 3 13.55 -5.45 19.07
C TYR B 3 14.46 -4.58 18.20
N ALA B 4 15.30 -3.73 18.86
CA ALA B 4 16.22 -2.80 18.22
C ALA B 4 17.21 -3.44 17.28
N ARG B 5 17.78 -4.60 17.64
CA ARG B 5 18.74 -5.31 16.81
C ARG B 5 18.17 -5.90 15.51
N PHE B 6 16.86 -6.21 15.50
CA PHE B 6 16.21 -6.77 14.32
C PHE B 6 15.87 -5.72 13.28
N ILE B 7 15.48 -4.52 13.72
CA ILE B 7 15.02 -3.44 12.83
C ILE B 7 16.12 -2.59 12.21
N THR B 8 15.82 -1.98 11.05
CA THR B 8 16.79 -1.12 10.37
C THR B 8 16.81 0.24 11.07
N ALA B 9 17.88 0.99 10.84
CA ALA B 9 18.05 2.33 11.34
C ALA B 9 16.91 3.26 10.83
N ALA B 10 16.54 3.14 9.51
CA ALA B 10 15.47 3.89 8.82
C ALA B 10 14.10 3.63 9.42
N SER B 11 13.77 2.36 9.73
CA SER B 11 12.50 1.99 10.36
C SER B 11 12.39 2.61 11.77
N ALA B 12 13.52 2.64 12.54
CA ALA B 12 13.60 3.18 13.89
C ALA B 12 13.38 4.69 13.96
N ALA B 13 13.77 5.38 12.90
CA ALA B 13 13.71 6.83 12.79
C ALA B 13 12.36 7.36 12.31
N ARG B 14 11.45 6.48 11.89
CA ARG B 14 10.10 6.88 11.46
C ARG B 14 9.35 7.52 12.61
N ASN B 15 8.64 8.60 12.29
CA ASN B 15 7.86 9.34 13.27
C ASN B 15 6.40 9.36 12.88
N PRO B 16 5.47 9.53 13.85
CA PRO B 16 4.05 9.65 13.47
C PRO B 16 3.78 10.94 12.70
N SER B 17 2.67 10.95 11.97
CA SER B 17 2.25 12.13 11.21
C SER B 17 1.82 13.19 12.22
N PRO B 18 1.82 14.50 11.87
CA PRO B 18 1.34 15.52 12.81
C PRO B 18 -0.14 15.34 13.20
N ILE B 19 -0.97 14.68 12.35
CA ILE B 19 -2.38 14.37 12.64
C ILE B 19 -2.45 13.28 13.73
N ARG B 20 -1.64 12.20 13.59
CA ARG B 20 -1.56 11.12 14.58
C ARG B 20 -1.13 11.70 15.93
N THR B 21 -0.27 12.75 15.91
CA THR B 21 0.17 13.48 17.11
C THR B 21 -1.05 14.22 17.72
N MET B 22 -1.83 14.95 16.89
CA MET B 22 -3.01 15.72 17.29
C MET B 22 -4.12 14.82 17.82
N THR B 23 -4.31 13.62 17.20
CA THR B 23 -5.33 12.61 17.57
C THR B 23 -5.15 12.13 19.02
N ASP B 24 -3.90 12.08 19.51
CA ASP B 24 -3.57 11.72 20.90
C ASP B 24 -4.11 12.78 21.85
N ILE B 25 -3.81 14.07 21.56
CA ILE B 25 -4.24 15.26 22.32
C ILE B 25 -5.74 15.55 22.16
N LEU B 26 -6.38 15.08 21.06
CA LEU B 26 -7.82 15.21 20.75
C LEU B 26 -8.63 14.55 21.88
N SER B 27 -8.12 13.41 22.38
CA SER B 27 -8.69 12.60 23.46
C SER B 27 -8.22 13.08 24.86
N ARG B 28 -7.48 14.20 24.90
CA ARG B 28 -6.96 14.84 26.12
C ARG B 28 -7.55 16.25 26.28
N GLY B 29 -8.54 16.59 25.46
CA GLY B 29 -9.22 17.88 25.47
C GLY B 29 -10.72 17.77 25.69
N PRO B 30 -11.49 18.88 25.50
CA PRO B 30 -12.95 18.81 25.73
C PRO B 30 -13.77 18.04 24.68
N LYS B 31 -15.10 18.04 24.84
CA LYS B 31 -16.04 17.37 23.95
C LYS B 31 -16.57 18.28 22.82
N SER B 32 -16.45 19.62 23.01
CA SER B 32 -16.92 20.63 22.06
C SER B 32 -16.22 20.52 20.69
N MET B 33 -14.88 20.37 20.71
CA MET B 33 -13.95 20.23 19.57
C MET B 33 -14.33 20.76 18.18
N ILE B 34 -13.75 21.91 17.79
CA ILE B 34 -13.84 22.50 16.45
C ILE B 34 -12.51 22.14 15.77
N SER B 35 -12.57 21.52 14.61
CA SER B 35 -11.37 21.11 13.89
C SER B 35 -11.15 21.86 12.59
N LEU B 36 -9.97 22.51 12.52
CA LEU B 36 -9.46 23.19 11.34
C LEU B 36 -8.10 22.55 11.04
N ALA B 37 -7.90 21.31 11.52
CA ALA B 37 -6.62 20.63 11.39
C ALA B 37 -6.32 19.84 10.12
N GLY B 38 -7.24 18.98 9.70
CA GLY B 38 -6.97 18.11 8.57
C GLY B 38 -7.42 18.57 7.21
N GLY B 39 -6.71 18.10 6.20
CA GLY B 39 -7.04 18.35 4.80
C GLY B 39 -8.07 17.34 4.33
N LEU B 40 -9.13 17.13 5.15
CA LEU B 40 -10.20 16.19 4.86
C LEU B 40 -11.17 16.77 3.87
N PRO B 41 -11.52 16.05 2.79
CA PRO B 41 -12.59 16.57 1.92
C PRO B 41 -13.89 16.71 2.72
N ASN B 42 -14.73 17.69 2.33
CA ASN B 42 -15.99 17.94 2.99
C ASN B 42 -16.88 16.72 2.78
N PRO B 43 -17.39 16.10 3.88
CA PRO B 43 -18.21 14.88 3.74
C PRO B 43 -19.57 15.03 3.06
N ASN B 44 -20.01 16.26 2.78
CA ASN B 44 -21.27 16.54 2.12
C ASN B 44 -21.12 16.75 0.61
N MET B 45 -19.86 16.67 0.10
CA MET B 45 -19.50 16.85 -1.32
C MET B 45 -19.21 15.54 -2.03
N PHE B 46 -19.30 14.41 -1.31
CA PHE B 46 -19.08 13.09 -1.88
C PHE B 46 -20.18 12.73 -2.85
N PRO B 47 -19.87 12.14 -4.04
CA PRO B 47 -20.94 11.81 -4.99
C PRO B 47 -21.72 10.54 -4.61
N PHE B 48 -21.15 9.63 -3.79
CA PHE B 48 -21.84 8.40 -3.34
C PHE B 48 -22.58 8.71 -2.03
N LYS B 49 -23.86 8.31 -1.93
CA LYS B 49 -24.72 8.67 -0.80
C LYS B 49 -25.12 7.55 0.15
N THR B 50 -25.53 6.39 -0.37
CA THR B 50 -25.97 5.24 0.43
C THR B 50 -25.52 3.98 -0.30
N ALA B 51 -25.49 2.85 0.41
CA ALA B 51 -25.13 1.58 -0.20
C ALA B 51 -25.87 0.45 0.43
N VAL B 52 -26.28 -0.51 -0.39
CA VAL B 52 -26.89 -1.75 0.06
C VAL B 52 -26.16 -2.91 -0.58
N ILE B 53 -25.63 -3.82 0.24
CA ILE B 53 -24.86 -4.98 -0.21
C ILE B 53 -25.55 -6.24 0.29
N THR B 54 -25.96 -7.12 -0.64
CA THR B 54 -26.60 -8.39 -0.27
C THR B 54 -25.57 -9.43 0.13
N VAL B 55 -25.92 -10.22 1.16
CA VAL B 55 -25.09 -11.28 1.70
C VAL B 55 -25.87 -12.60 1.56
N GLU B 56 -25.27 -13.65 0.97
CA GLU B 56 -25.94 -14.96 0.87
C GLU B 56 -25.91 -15.58 2.28
N ASN B 57 -27.10 -15.88 2.83
CA ASN B 57 -27.30 -16.42 4.19
C ASN B 57 -26.68 -15.43 5.20
N GLY B 58 -27.37 -14.32 5.35
CA GLY B 58 -26.98 -13.21 6.21
C GLY B 58 -27.81 -11.97 5.98
N LYS B 59 -27.75 -11.03 6.93
CA LYS B 59 -28.47 -9.77 6.86
C LYS B 59 -27.83 -8.88 5.80
N THR B 60 -28.69 -8.20 4.99
CA THR B 60 -28.23 -7.23 3.97
C THR B 60 -27.43 -6.14 4.70
N ILE B 61 -26.30 -5.74 4.13
CA ILE B 61 -25.44 -4.75 4.73
C ILE B 61 -25.87 -3.41 4.18
N GLN B 62 -26.11 -2.46 5.07
CA GLN B 62 -26.56 -1.14 4.65
C GLN B 62 -25.68 -0.04 5.18
N PHE B 63 -25.31 0.90 4.29
CA PHE B 63 -24.57 2.10 4.68
C PHE B 63 -25.55 3.22 4.44
N GLY B 64 -26.15 3.74 5.51
CA GLY B 64 -27.01 4.90 5.44
C GLY B 64 -26.16 6.13 5.18
N GLU B 65 -26.76 7.30 5.08
CA GLU B 65 -26.04 8.54 4.76
C GLU B 65 -24.82 8.88 5.59
N GLU B 66 -24.95 8.81 6.93
CA GLU B 66 -23.84 9.11 7.84
C GLU B 66 -22.73 8.08 7.77
N MET B 67 -23.07 6.77 7.69
CA MET B 67 -22.10 5.69 7.58
C MET B 67 -21.30 5.82 6.26
N MET B 68 -22.00 6.18 5.16
CA MET B 68 -21.39 6.39 3.84
C MET B 68 -20.36 7.52 3.88
N LYS B 69 -20.65 8.62 4.59
CA LYS B 69 -19.72 9.76 4.75
C LYS B 69 -18.44 9.32 5.46
N ARG B 70 -18.56 8.42 6.45
CA ARG B 70 -17.41 7.88 7.18
C ARG B 70 -16.62 6.94 6.25
N ALA B 71 -17.35 6.05 5.52
CA ALA B 71 -16.81 5.08 4.56
C ALA B 71 -15.98 5.73 3.44
N LEU B 72 -16.36 6.95 3.05
CA LEU B 72 -15.74 7.70 1.96
C LEU B 72 -14.66 8.66 2.41
N GLN B 73 -14.40 8.68 3.72
CA GLN B 73 -13.45 9.57 4.37
C GLN B 73 -12.17 8.85 4.89
N TYR B 74 -11.09 9.63 5.11
CA TYR B 74 -9.84 9.14 5.70
C TYR B 74 -10.17 8.50 7.06
N SER B 75 -9.38 7.51 7.46
CA SER B 75 -9.58 6.79 8.70
C SER B 75 -8.20 6.40 9.27
N PRO B 76 -8.08 5.94 10.53
CA PRO B 76 -6.74 5.64 11.10
C PRO B 76 -5.90 4.67 10.28
N SER B 77 -4.59 4.89 10.27
CA SER B 77 -3.57 4.08 9.61
C SER B 77 -3.61 2.60 9.97
N ALA B 78 -3.88 2.29 11.24
CA ALA B 78 -3.88 0.91 11.74
C ALA B 78 -5.17 0.16 11.45
N GLY B 79 -6.22 0.90 11.02
CA GLY B 79 -7.54 0.33 10.74
C GLY B 79 -8.64 0.98 11.57
N ILE B 80 -9.90 0.68 11.22
CA ILE B 80 -11.06 1.21 11.94
C ILE B 80 -11.15 0.47 13.30
N PRO B 81 -11.50 1.17 14.39
CA PRO B 81 -11.48 0.52 15.71
C PRO B 81 -12.35 -0.72 15.89
N GLU B 82 -13.52 -0.76 15.27
CA GLU B 82 -14.43 -1.90 15.39
C GLU B 82 -13.92 -3.16 14.73
N LEU B 83 -13.18 -3.03 13.61
CA LEU B 83 -12.57 -4.17 12.94
C LEU B 83 -11.36 -4.65 13.76
N LEU B 84 -10.55 -3.71 14.29
CA LEU B 84 -9.39 -4.02 15.13
C LEU B 84 -9.78 -4.79 16.37
N SER B 85 -10.82 -4.34 17.09
CA SER B 85 -11.25 -5.01 18.31
C SER B 85 -11.84 -6.41 18.02
N TRP B 86 -12.58 -6.55 16.90
CA TRP B 86 -13.13 -7.86 16.51
C TRP B 86 -12.00 -8.83 16.16
N LEU B 87 -10.99 -8.37 15.41
CA LEU B 87 -9.87 -9.22 15.00
C LEU B 87 -9.02 -9.59 16.19
N LYS B 88 -8.89 -8.67 17.17
CA LYS B 88 -8.12 -8.91 18.40
C LYS B 88 -8.75 -10.04 19.20
N GLN B 89 -10.08 -10.04 19.34
CA GLN B 89 -10.86 -11.07 20.03
C GLN B 89 -10.79 -12.39 19.29
N LEU B 90 -10.79 -12.34 17.94
CA LEU B 90 -10.64 -13.54 17.10
C LEU B 90 -9.28 -14.24 17.39
N GLN B 91 -8.18 -13.47 17.45
CA GLN B 91 -6.83 -13.96 17.72
C GLN B 91 -6.74 -14.56 19.09
N ILE B 92 -7.36 -13.93 20.08
CA ILE B 92 -7.38 -14.43 21.45
C ILE B 92 -8.15 -15.76 21.53
N LYS B 93 -9.34 -15.83 20.89
CA LYS B 93 -10.14 -17.06 20.90
C LYS B 93 -9.45 -18.22 20.16
N LEU B 94 -8.84 -17.92 19.01
CA LEU B 94 -8.18 -18.92 18.18
C LEU B 94 -6.79 -19.33 18.63
N HIS B 95 -5.97 -18.35 19.07
CA HIS B 95 -4.57 -18.59 19.39
C HIS B 95 -4.18 -18.33 20.83
N ASN B 96 -5.02 -17.59 21.62
CA ASN B 96 -4.74 -17.23 23.03
C ASN B 96 -3.24 -16.98 23.23
N PRO B 97 -2.65 -15.97 22.53
CA PRO B 97 -1.18 -15.82 22.60
C PRO B 97 -0.66 -15.45 23.98
N PRO B 98 0.48 -16.05 24.41
CA PRO B 98 1.05 -15.71 25.73
C PRO B 98 1.34 -14.22 25.97
N THR B 99 1.49 -13.45 24.88
CA THR B 99 1.86 -12.03 24.88
C THR B 99 0.73 -11.03 25.15
N ILE B 100 -0.55 -11.46 25.23
CA ILE B 100 -1.72 -10.57 25.44
C ILE B 100 -1.50 -9.50 26.53
N HIS B 101 -1.17 -9.93 27.76
CA HIS B 101 -0.99 -9.01 28.88
C HIS B 101 0.45 -8.65 29.22
N TYR B 102 1.38 -8.85 28.28
CA TYR B 102 2.78 -8.45 28.49
C TYR B 102 2.83 -6.92 28.43
N PRO B 103 3.78 -6.23 29.12
CA PRO B 103 3.85 -4.76 28.94
C PRO B 103 4.24 -4.43 27.47
N PRO B 104 3.86 -3.25 26.90
CA PRO B 104 4.20 -2.96 25.50
C PRO B 104 5.66 -3.15 25.08
N SER B 105 6.63 -2.76 25.92
CA SER B 105 8.06 -2.89 25.65
C SER B 105 8.53 -4.35 25.55
N GLN B 106 7.81 -5.25 26.23
CA GLN B 106 8.08 -6.70 26.25
C GLN B 106 7.37 -7.48 25.13
N GLY B 107 6.78 -6.76 24.19
CA GLY B 107 6.14 -7.37 23.03
C GLY B 107 4.68 -7.74 23.21
N GLN B 108 3.91 -6.87 23.87
CA GLN B 108 2.46 -7.04 24.06
C GLN B 108 1.82 -7.25 22.69
N MET B 109 0.88 -8.19 22.61
CA MET B 109 0.18 -8.49 21.37
C MET B 109 -0.52 -7.24 20.84
N ASP B 110 -0.23 -6.91 19.59
CA ASP B 110 -0.85 -5.79 18.89
C ASP B 110 -1.27 -6.23 17.50
N LEU B 111 -2.17 -5.47 16.88
CA LEU B 111 -2.70 -5.77 15.56
C LEU B 111 -2.87 -4.52 14.75
N CYS B 112 -2.71 -4.67 13.44
CA CYS B 112 -3.02 -3.63 12.49
C CYS B 112 -3.64 -4.25 11.25
N VAL B 113 -4.56 -3.52 10.61
CA VAL B 113 -5.20 -3.92 9.36
C VAL B 113 -4.23 -3.50 8.24
N THR B 114 -4.03 -4.36 7.24
CA THR B 114 -3.15 -4.09 6.10
C THR B 114 -3.94 -4.28 4.78
N SER B 115 -3.42 -3.73 3.67
CA SER B 115 -4.02 -3.87 2.34
C SER B 115 -3.59 -5.24 1.78
N GLY B 116 -4.20 -6.28 2.33
CA GLY B 116 -3.92 -7.67 2.03
C GLY B 116 -2.80 -8.15 2.94
N SER B 117 -2.55 -9.45 3.02
CA SER B 117 -1.41 -9.87 3.82
C SER B 117 -0.07 -9.53 3.10
N GLN B 118 -0.09 -9.29 1.77
CA GLN B 118 1.10 -8.90 1.00
C GLN B 118 1.73 -7.61 1.54
N GLN B 119 0.89 -6.61 1.93
CA GLN B 119 1.39 -5.33 2.46
C GLN B 119 2.06 -5.53 3.82
N GLY B 120 1.45 -6.34 4.67
CA GLY B 120 1.97 -6.67 5.98
C GLY B 120 3.34 -7.29 5.89
N LEU B 121 3.49 -8.33 5.03
CA LEU B 121 4.76 -9.02 4.78
C LEU B 121 5.82 -8.08 4.26
N CYS B 122 5.49 -7.27 3.25
CA CYS B 122 6.35 -6.28 2.63
C CYS B 122 6.90 -5.27 3.65
N LYS B 123 6.03 -4.72 4.54
CA LYS B 123 6.42 -3.73 5.54
C LYS B 123 7.30 -4.35 6.62
N VAL B 124 7.05 -5.64 6.95
CA VAL B 124 7.83 -6.43 7.91
C VAL B 124 9.25 -6.62 7.37
N PHE B 125 9.39 -7.08 6.10
CA PHE B 125 10.68 -7.31 5.48
C PHE B 125 11.51 -6.01 5.38
N GLU B 126 10.86 -4.89 4.99
CA GLU B 126 11.48 -3.57 4.87
C GLU B 126 11.91 -2.99 6.22
N MET B 127 11.15 -3.26 7.28
CA MET B 127 11.44 -2.86 8.66
C MET B 127 12.68 -3.59 9.17
N ILE B 128 12.85 -4.88 8.79
CA ILE B 128 13.91 -5.75 9.30
C ILE B 128 15.23 -5.78 8.51
N ILE B 129 15.12 -5.91 7.18
CA ILE B 129 16.24 -6.17 6.29
C ILE B 129 17.20 -5.06 5.90
N ASN B 130 18.46 -5.27 6.28
CA ASN B 130 19.59 -4.45 5.86
C ASN B 130 20.29 -5.25 4.75
N PRO B 131 20.90 -4.61 3.74
CA PRO B 131 21.63 -5.38 2.72
C PRO B 131 22.70 -6.28 3.34
N GLY B 132 22.70 -7.56 2.96
CA GLY B 132 23.64 -8.56 3.46
C GLY B 132 23.13 -9.41 4.60
N ASP B 133 22.00 -9.04 5.22
CA ASP B 133 21.40 -9.80 6.33
C ASP B 133 21.03 -11.22 5.93
N ASN B 134 21.10 -12.15 6.89
CA ASN B 134 20.73 -13.54 6.65
C ASN B 134 19.29 -13.78 7.06
N VAL B 135 18.54 -14.44 6.17
CA VAL B 135 17.15 -14.79 6.39
C VAL B 135 16.96 -16.27 6.02
N LEU B 136 16.14 -16.99 6.79
CA LEU B 136 15.88 -18.41 6.53
C LEU B 136 14.44 -18.60 6.05
N LEU B 137 14.28 -19.51 5.10
CA LEU B 137 13.00 -19.99 4.59
C LEU B 137 13.16 -21.31 3.86
N ASP B 138 12.05 -22.02 3.67
CA ASP B 138 12.08 -23.27 2.93
C ASP B 138 11.62 -23.03 1.50
N GLU B 139 12.43 -23.45 0.53
CA GLU B 139 12.11 -23.41 -0.89
C GLU B 139 11.52 -24.79 -1.25
N PRO B 140 10.53 -24.89 -2.16
CA PRO B 140 9.84 -23.80 -2.88
C PRO B 140 9.00 -22.92 -1.94
N ALA B 141 9.02 -21.61 -2.21
CA ALA B 141 8.31 -20.62 -1.40
C ALA B 141 7.47 -19.71 -2.27
N TYR B 142 6.54 -18.97 -1.64
CA TYR B 142 5.64 -18.04 -2.29
C TYR B 142 6.46 -17.01 -3.10
N SER B 143 6.16 -16.87 -4.41
CA SER B 143 6.88 -15.99 -5.31
C SER B 143 6.84 -14.51 -4.91
N GLY B 144 5.75 -14.10 -4.26
CA GLY B 144 5.55 -12.75 -3.76
C GLY B 144 6.51 -12.40 -2.63
N THR B 145 6.94 -13.42 -1.84
CA THR B 145 7.93 -13.13 -0.79
C THR B 145 9.32 -13.12 -1.36
N LEU B 146 9.60 -14.06 -2.27
CA LEU B 146 10.90 -14.11 -2.96
C LEU B 146 11.15 -12.82 -3.75
N GLN B 147 10.14 -12.28 -4.44
CA GLN B 147 10.30 -11.07 -5.22
C GLN B 147 10.36 -9.82 -4.32
N SER B 148 9.89 -9.92 -3.05
CA SER B 148 9.96 -8.82 -2.08
C SER B 148 11.35 -8.78 -1.47
N LEU B 149 11.88 -9.97 -1.12
CA LEU B 149 13.17 -10.15 -0.48
C LEU B 149 14.35 -9.87 -1.39
N HIS B 150 14.31 -10.36 -2.63
CA HIS B 150 15.37 -10.22 -3.62
C HIS B 150 15.91 -8.76 -3.80
N PRO B 151 15.09 -7.70 -3.99
CA PRO B 151 15.67 -6.35 -4.13
C PRO B 151 16.28 -5.78 -2.84
N LEU B 152 15.93 -6.35 -1.67
CA LEU B 152 16.41 -5.95 -0.35
C LEU B 152 17.86 -6.31 -0.03
N GLY B 153 18.50 -7.10 -0.89
CA GLY B 153 19.91 -7.48 -0.77
C GLY B 153 20.26 -8.44 0.35
N CYS B 154 19.28 -9.23 0.81
CA CYS B 154 19.52 -10.20 1.87
C CYS B 154 20.02 -11.53 1.30
N ASN B 155 20.69 -12.34 2.13
CA ASN B 155 21.13 -13.65 1.72
C ASN B 155 20.03 -14.61 2.17
N ILE B 156 19.39 -15.29 1.20
CA ILE B 156 18.34 -16.24 1.52
C ILE B 156 18.96 -17.61 1.68
N ILE B 157 18.86 -18.18 2.90
CA ILE B 157 19.35 -19.51 3.24
C ILE B 157 18.16 -20.49 3.21
N ASN B 158 18.22 -21.45 2.28
CA ASN B 158 17.20 -22.47 2.11
C ASN B 158 17.31 -23.53 3.20
N VAL B 159 16.18 -23.83 3.81
CA VAL B 159 16.02 -24.84 4.86
C VAL B 159 15.25 -25.98 4.21
N ALA B 160 15.72 -27.23 4.38
CA ALA B 160 15.06 -28.40 3.78
C ALA B 160 13.67 -28.60 4.35
N SER B 161 12.77 -29.05 3.46
CA SER B 161 11.38 -29.34 3.75
C SER B 161 10.98 -30.69 3.13
N ASP B 162 9.97 -31.34 3.72
CA ASP B 162 9.42 -32.60 3.22
C ASP B 162 7.88 -32.50 3.20
N GLU B 163 7.16 -33.65 3.29
CA GLU B 163 5.68 -33.71 3.30
C GLU B 163 5.07 -32.96 4.50
N SER B 164 5.85 -32.79 5.59
CA SER B 164 5.43 -32.13 6.82
C SER B 164 6.08 -30.74 7.04
N GLY B 165 6.42 -30.05 5.96
CA GLY B 165 7.02 -28.73 6.00
C GLY B 165 8.50 -28.76 6.35
N ILE B 166 9.02 -27.66 6.92
CA ILE B 166 10.43 -27.52 7.35
C ILE B 166 10.88 -28.75 8.14
N VAL B 167 12.10 -29.24 7.85
CA VAL B 167 12.66 -30.35 8.58
C VAL B 167 13.52 -29.70 9.69
N PRO B 168 13.11 -29.79 10.98
CA PRO B 168 13.89 -29.13 12.06
C PRO B 168 15.38 -29.51 12.11
N ASP B 169 15.75 -30.73 11.66
CA ASP B 169 17.13 -31.22 11.60
C ASP B 169 17.96 -30.40 10.62
N SER B 170 17.35 -29.99 9.49
CA SER B 170 17.97 -29.14 8.47
C SER B 170 18.26 -27.75 9.07
N LEU B 171 17.26 -27.16 9.76
CA LEU B 171 17.38 -25.87 10.42
C LEU B 171 18.48 -25.93 11.50
N ARG B 172 18.49 -26.99 12.32
CA ARG B 172 19.49 -27.24 13.37
C ARG B 172 20.91 -27.29 12.78
N ASP B 173 21.08 -27.98 11.63
CA ASP B 173 22.37 -28.11 10.94
C ASP B 173 22.85 -26.79 10.34
N ILE B 174 21.93 -25.98 9.76
CA ILE B 174 22.24 -24.67 9.18
C ILE B 174 22.73 -23.71 10.29
N LEU B 175 22.00 -23.69 11.42
CA LEU B 175 22.30 -22.84 12.57
C LEU B 175 23.58 -23.21 13.30
N SER B 176 24.07 -24.46 13.13
CA SER B 176 25.30 -24.93 13.76
C SER B 176 26.58 -24.22 13.24
N ARG B 177 26.47 -23.39 12.17
CA ARG B 177 27.63 -22.63 11.68
C ARG B 177 27.94 -21.43 12.60
N TRP B 178 26.96 -21.06 13.45
CA TRP B 178 27.07 -20.01 14.44
C TRP B 178 26.98 -20.67 15.82
N LYS B 179 27.37 -19.92 16.87
CA LYS B 179 27.23 -20.37 18.24
C LYS B 179 26.01 -19.59 18.79
N PRO B 180 25.15 -20.16 19.68
CA PRO B 180 23.99 -19.39 20.16
C PRO B 180 24.28 -17.95 20.62
N GLU B 181 25.44 -17.72 21.27
CA GLU B 181 25.90 -16.41 21.76
C GLU B 181 26.28 -15.40 20.66
N ASP B 182 26.41 -15.86 19.40
CA ASP B 182 26.72 -15.02 18.24
C ASP B 182 25.57 -14.05 17.87
N ALA B 183 24.33 -14.33 18.35
CA ALA B 183 23.15 -13.50 18.14
C ALA B 183 23.26 -12.13 18.85
N LYS B 184 24.10 -12.04 19.88
CA LYS B 184 24.38 -10.83 20.66
C LYS B 184 25.50 -9.98 20.00
N ASN B 185 26.14 -10.51 18.95
CA ASN B 185 27.21 -9.85 18.24
C ASN B 185 26.77 -9.56 16.79
N PRO B 186 26.51 -8.28 16.42
CA PRO B 186 26.00 -7.99 15.05
C PRO B 186 26.96 -8.31 13.90
N GLN B 187 28.29 -8.39 14.17
CA GLN B 187 29.27 -8.72 13.14
C GLN B 187 29.28 -10.23 12.81
N LYS B 188 28.57 -11.04 13.61
CA LYS B 188 28.47 -12.48 13.37
C LYS B 188 27.42 -12.79 12.30
N ASN B 189 26.51 -11.84 12.08
CA ASN B 189 25.45 -11.86 11.09
C ASN B 189 24.53 -13.09 11.15
N THR B 190 24.06 -13.41 12.38
CA THR B 190 23.12 -14.50 12.63
C THR B 190 21.78 -14.17 11.96
N PRO B 191 20.98 -15.19 11.54
CA PRO B 191 19.71 -14.89 10.86
C PRO B 191 18.78 -13.96 11.61
N LYS B 192 18.12 -13.04 10.87
CA LYS B 192 17.17 -12.07 11.43
C LYS B 192 15.84 -12.77 11.73
N PHE B 193 15.45 -13.68 10.83
CA PHE B 193 14.18 -14.38 10.94
C PHE B 193 14.11 -15.63 10.13
N LEU B 194 13.08 -16.43 10.42
CA LEU B 194 12.68 -17.58 9.66
C LEU B 194 11.27 -17.25 9.14
N TYR B 195 11.10 -17.34 7.82
CA TYR B 195 9.82 -17.11 7.19
C TYR B 195 9.20 -18.46 6.84
N THR B 196 7.92 -18.65 7.16
CA THR B 196 7.21 -19.88 6.81
C THR B 196 5.73 -19.67 6.61
N VAL B 197 5.14 -20.52 5.75
CA VAL B 197 3.71 -20.62 5.47
C VAL B 197 3.40 -21.98 6.07
N PRO B 198 2.94 -22.02 7.35
CA PRO B 198 2.78 -23.30 8.04
C PRO B 198 1.62 -24.17 7.61
N ASN B 199 0.60 -23.60 6.94
CA ASN B 199 -0.55 -24.38 6.48
C ASN B 199 -0.73 -24.24 4.99
N GLY B 200 -0.69 -25.37 4.28
CA GLY B 200 -0.84 -25.43 2.82
C GLY B 200 0.10 -24.49 2.12
N ASN B 201 1.41 -24.67 2.37
CA ASN B 201 2.46 -23.86 1.79
C ASN B 201 2.22 -23.60 0.30
N ASN B 202 2.46 -22.35 -0.14
CA ASN B 202 2.39 -21.97 -1.54
C ASN B 202 3.85 -22.15 -2.03
N PRO B 203 4.18 -23.15 -2.89
CA PRO B 203 3.29 -23.96 -3.74
C PRO B 203 3.02 -25.41 -3.36
N THR B 204 3.69 -25.96 -2.35
CA THR B 204 3.63 -27.40 -2.01
C THR B 204 2.31 -27.99 -1.55
N GLY B 205 1.52 -27.23 -0.80
CA GLY B 205 0.28 -27.71 -0.19
C GLY B 205 0.55 -28.46 1.11
N ASN B 206 1.83 -28.44 1.57
CA ASN B 206 2.27 -29.11 2.79
C ASN B 206 2.13 -28.25 4.02
N SER B 207 1.82 -28.89 5.17
CA SER B 207 1.65 -28.20 6.44
C SER B 207 2.57 -28.74 7.50
N LEU B 208 3.03 -27.84 8.38
CA LEU B 208 3.88 -28.20 9.51
C LEU B 208 3.05 -28.91 10.57
N THR B 209 3.68 -29.79 11.32
CA THR B 209 3.03 -30.50 12.43
C THR B 209 3.29 -29.66 13.70
N SER B 210 2.51 -29.93 14.77
CA SER B 210 2.65 -29.28 16.09
C SER B 210 4.06 -29.50 16.67
N GLU B 211 4.57 -30.75 16.58
CA GLU B 211 5.88 -31.17 17.10
C GLU B 211 7.01 -30.39 16.44
N ARG B 212 6.97 -30.28 15.10
CA ARG B 212 7.97 -29.56 14.33
C ARG B 212 7.95 -28.06 14.65
N LYS B 213 6.76 -27.47 14.83
CA LYS B 213 6.59 -26.06 15.20
C LYS B 213 7.25 -25.78 16.54
N LYS B 214 7.08 -26.69 17.53
CA LYS B 214 7.69 -26.62 18.85
C LYS B 214 9.23 -26.67 18.75
N GLU B 215 9.77 -27.55 17.86
CA GLU B 215 11.21 -27.72 17.61
C GLU B 215 11.79 -26.46 16.93
N ILE B 216 11.06 -25.93 15.95
CA ILE B 216 11.46 -24.73 15.21
C ILE B 216 11.47 -23.52 16.16
N TYR B 217 10.45 -23.44 17.05
CA TYR B 217 10.37 -22.36 18.03
C TYR B 217 11.55 -22.40 18.99
N GLU B 218 11.94 -23.60 19.47
CA GLU B 218 13.09 -23.71 20.37
C GLU B 218 14.43 -23.32 19.73
N LEU B 219 14.58 -23.57 18.41
CA LEU B 219 15.77 -23.15 17.66
C LEU B 219 15.76 -21.63 17.45
N ALA B 220 14.56 -21.03 17.31
CA ALA B 220 14.36 -19.59 17.19
C ALA B 220 14.75 -18.86 18.49
N ARG B 221 14.46 -19.45 19.66
CA ARG B 221 14.85 -18.89 20.97
C ARG B 221 16.38 -19.00 21.13
N LYS B 222 16.94 -20.20 20.87
CA LYS B 222 18.36 -20.53 21.00
C LYS B 222 19.27 -19.60 20.18
N TYR B 223 18.90 -19.33 18.92
CA TYR B 223 19.67 -18.47 18.03
C TYR B 223 19.06 -17.07 17.91
N ASP B 224 18.06 -16.79 18.77
CA ASP B 224 17.31 -15.54 18.90
C ASP B 224 16.88 -14.87 17.60
N PHE B 225 16.12 -15.56 16.77
CA PHE B 225 15.62 -14.95 15.54
C PHE B 225 14.10 -14.89 15.59
N LEU B 226 13.51 -14.05 14.74
CA LEU B 226 12.07 -13.89 14.68
C LEU B 226 11.46 -14.96 13.79
N ILE B 227 10.15 -15.20 13.94
CA ILE B 227 9.43 -16.15 13.10
C ILE B 227 8.40 -15.32 12.41
N ILE B 228 8.41 -15.36 11.08
CA ILE B 228 7.38 -14.70 10.31
C ILE B 228 6.45 -15.80 9.83
N GLU B 229 5.29 -15.89 10.50
CA GLU B 229 4.25 -16.87 10.23
C GLU B 229 3.24 -16.28 9.24
N ASP B 230 3.45 -16.55 7.95
CA ASP B 230 2.55 -16.09 6.89
C ASP B 230 1.52 -17.20 6.72
N ASP B 231 0.31 -17.01 7.26
CA ASP B 231 -0.73 -18.04 7.26
C ASP B 231 -2.04 -17.67 6.53
N PRO B 232 -2.04 -17.37 5.19
CA PRO B 232 -3.32 -17.05 4.51
C PRO B 232 -4.27 -18.24 4.30
N TYR B 233 -3.78 -19.50 4.42
CA TYR B 233 -4.55 -20.74 4.24
C TYR B 233 -4.88 -21.38 5.56
N TYR B 234 -4.73 -20.60 6.66
CA TYR B 234 -5.05 -21.05 8.02
C TYR B 234 -6.50 -21.56 8.12
N PHE B 235 -7.46 -20.86 7.49
CA PHE B 235 -8.87 -21.25 7.51
C PHE B 235 -9.25 -22.18 6.33
N LEU B 236 -8.26 -22.81 5.68
CA LEU B 236 -8.46 -23.75 4.57
C LEU B 236 -7.79 -25.09 4.85
N GLN B 237 -7.74 -25.50 6.12
CA GLN B 237 -7.14 -26.78 6.56
C GLN B 237 -8.13 -27.90 6.32
N PHE B 238 -7.68 -29.00 5.69
CA PHE B 238 -8.51 -30.17 5.36
C PHE B 238 -8.47 -31.23 6.45
N ASN B 239 -7.44 -31.18 7.31
CA ASN B 239 -7.23 -32.07 8.45
C ASN B 239 -8.21 -31.74 9.55
N SER B 240 -8.68 -32.77 10.27
CA SER B 240 -9.60 -32.59 11.39
C SER B 240 -8.82 -32.03 12.59
N GLY B 241 -9.33 -30.95 13.16
CA GLY B 241 -8.73 -30.26 14.30
C GLY B 241 -7.47 -29.50 13.95
N ARG B 242 -7.55 -28.16 13.92
CA ARG B 242 -6.41 -27.29 13.59
C ARG B 242 -5.19 -27.50 14.51
N VAL B 243 -4.00 -27.39 13.91
CA VAL B 243 -2.69 -27.52 14.55
C VAL B 243 -2.42 -26.17 15.24
N PRO B 244 -1.84 -26.11 16.46
CA PRO B 244 -1.55 -24.80 17.07
C PRO B 244 -0.57 -23.99 16.21
N THR B 245 -0.75 -22.67 16.18
CA THR B 245 0.09 -21.77 15.41
C THR B 245 1.35 -21.43 16.20
N PHE B 246 2.33 -20.79 15.54
CA PHE B 246 3.55 -20.29 16.19
C PHE B 246 3.14 -19.15 17.16
N LEU B 247 2.13 -18.34 16.76
CA LEU B 247 1.59 -17.26 17.57
C LEU B 247 1.08 -17.77 18.94
N SER B 248 0.36 -18.93 18.96
CA SER B 248 -0.17 -19.57 20.18
C SER B 248 0.90 -20.01 21.17
N MET B 249 2.12 -20.29 20.68
CA MET B 249 3.24 -20.72 21.52
C MET B 249 4.30 -19.65 21.72
N ASP B 250 4.01 -18.40 21.28
CA ASP B 250 4.93 -17.26 21.36
C ASP B 250 5.13 -16.66 22.76
N VAL B 251 5.83 -17.41 23.62
CA VAL B 251 6.17 -16.98 24.99
C VAL B 251 7.18 -15.79 24.97
N ASP B 252 8.06 -15.73 23.95
CA ASP B 252 9.11 -14.71 23.83
C ASP B 252 8.72 -13.40 23.19
N GLY B 253 7.64 -13.40 22.41
CA GLY B 253 7.24 -12.23 21.65
C GLY B 253 8.15 -12.12 20.43
N ARG B 254 8.41 -13.26 19.77
CA ARG B 254 9.28 -13.33 18.60
C ARG B 254 8.51 -13.68 17.34
N VAL B 255 7.18 -13.79 17.42
CA VAL B 255 6.37 -14.14 16.26
C VAL B 255 5.63 -12.96 15.67
N ILE B 256 5.77 -12.75 14.35
CA ILE B 256 4.98 -11.81 13.58
C ILE B 256 4.11 -12.70 12.70
N ARG B 257 2.79 -12.58 12.85
CA ARG B 257 1.85 -13.38 12.09
C ARG B 257 1.06 -12.52 11.09
N ALA B 258 1.01 -12.97 9.84
CA ALA B 258 0.22 -12.35 8.77
C ALA B 258 -0.99 -13.23 8.50
N ASP B 259 -2.17 -12.62 8.52
CA ASP B 259 -3.44 -13.28 8.24
C ASP B 259 -4.09 -12.53 7.09
N SER B 260 -4.92 -13.23 6.34
CA SER B 260 -5.59 -12.65 5.20
C SER B 260 -7.04 -13.05 5.14
N PHE B 261 -7.84 -12.21 4.51
CA PHE B 261 -9.26 -12.47 4.22
C PHE B 261 -9.40 -12.83 2.76
N SER B 262 -8.30 -12.76 1.99
CA SER B 262 -8.27 -13.01 0.54
C SER B 262 -8.76 -14.34 0.09
N LYS B 263 -8.50 -15.37 0.90
CA LYS B 263 -8.85 -16.76 0.57
C LYS B 263 -10.21 -17.20 1.07
N ILE B 264 -10.74 -16.54 2.11
CA ILE B 264 -12.03 -16.88 2.73
C ILE B 264 -13.13 -15.89 2.51
N ILE B 265 -12.81 -14.60 2.40
CA ILE B 265 -13.85 -13.58 2.25
C ILE B 265 -13.81 -12.86 0.91
N SER B 266 -12.68 -12.22 0.59
CA SER B 266 -12.51 -11.51 -0.67
C SER B 266 -11.08 -11.07 -0.84
N SER B 267 -10.54 -11.35 -2.01
CA SER B 267 -9.17 -11.00 -2.40
C SER B 267 -9.07 -9.61 -2.97
N GLY B 268 -10.12 -9.17 -3.67
CA GLY B 268 -10.21 -7.87 -4.32
C GLY B 268 -10.41 -6.72 -3.36
N LEU B 269 -10.91 -6.98 -2.15
CA LEU B 269 -11.12 -5.95 -1.13
C LEU B 269 -9.81 -5.47 -0.49
N ARG B 270 -8.71 -6.26 -0.68
CA ARG B 270 -7.37 -5.96 -0.16
C ARG B 270 -7.38 -5.73 1.35
N ILE B 271 -7.84 -6.74 2.10
CA ILE B 271 -7.91 -6.67 3.56
C ILE B 271 -7.22 -7.88 4.21
N GLY B 272 -6.20 -7.57 4.98
CA GLY B 272 -5.44 -8.53 5.77
C GLY B 272 -5.10 -7.88 7.09
N PHE B 273 -4.39 -8.61 7.93
CA PHE B 273 -4.00 -8.10 9.22
C PHE B 273 -2.73 -8.76 9.71
N LEU B 274 -2.02 -8.03 10.54
CA LEU B 274 -0.75 -8.42 11.10
C LEU B 274 -0.91 -8.45 12.62
N THR B 275 -0.42 -9.51 13.24
CA THR B 275 -0.42 -9.72 14.68
C THR B 275 1.03 -9.96 15.10
N GLY B 276 1.45 -9.25 16.14
CA GLY B 276 2.80 -9.38 16.64
C GLY B 276 3.11 -8.45 17.79
N PRO B 277 4.40 -8.38 18.15
CA PRO B 277 4.80 -7.52 19.27
C PRO B 277 4.50 -6.05 18.99
N LYS B 278 3.93 -5.34 19.98
CA LYS B 278 3.60 -3.91 19.87
C LYS B 278 4.74 -3.03 19.31
N PRO B 279 6.04 -3.17 19.72
CA PRO B 279 7.09 -2.30 19.13
C PRO B 279 7.26 -2.50 17.63
N LEU B 280 7.15 -3.77 17.15
CA LEU B 280 7.27 -4.11 15.72
C LEU B 280 6.03 -3.72 14.94
N ILE B 281 4.80 -3.90 15.51
CA ILE B 281 3.55 -3.49 14.86
C ILE B 281 3.50 -1.96 14.68
N GLU B 282 4.01 -1.23 15.67
CA GLU B 282 4.07 0.25 15.66
C GLU B 282 4.93 0.75 14.49
N ARG B 283 6.10 0.10 14.25
CA ARG B 283 7.01 0.41 13.13
C ARG B 283 6.31 0.22 11.78
N VAL B 284 5.51 -0.89 11.66
CA VAL B 284 4.75 -1.23 10.46
C VAL B 284 3.68 -0.18 10.17
N ILE B 285 2.92 0.24 11.20
CA ILE B 285 1.86 1.26 11.07
C ILE B 285 2.46 2.56 10.54
N LEU B 286 3.62 2.98 11.07
CA LEU B 286 4.32 4.19 10.65
C LEU B 286 4.75 4.14 9.20
N HIS B 287 5.15 2.97 8.71
CA HIS B 287 5.52 2.80 7.30
C HIS B 287 4.27 2.88 6.43
N ILE B 288 3.16 2.26 6.88
CA ILE B 288 1.87 2.28 6.19
C ILE B 288 1.37 3.72 6.04
N GLN B 289 1.50 4.50 7.12
CA GLN B 289 1.10 5.90 7.17
C GLN B 289 1.72 6.74 6.02
N VAL B 290 2.98 6.47 5.63
CA VAL B 290 3.66 7.18 4.54
C VAL B 290 3.52 6.51 3.17
N SER B 291 2.92 5.32 3.13
CA SER B 291 2.73 4.62 1.86
C SER B 291 1.29 4.68 1.38
N THR B 292 0.36 4.00 2.02
CA THR B 292 -1.05 4.00 1.59
C THR B 292 -1.97 4.87 2.46
N LEU B 293 -1.43 5.48 3.56
CA LEU B 293 -2.11 6.25 4.59
C LEU B 293 -2.90 5.31 5.48
N HIS B 294 -3.81 4.51 4.89
CA HIS B 294 -4.64 3.56 5.62
C HIS B 294 -5.32 2.57 4.63
N PRO B 295 -5.85 1.42 5.10
CA PRO B 295 -6.60 0.55 4.20
C PRO B 295 -7.98 1.18 3.93
N SER B 296 -8.57 0.92 2.75
CA SER B 296 -9.89 1.45 2.36
C SER B 296 -10.88 1.46 3.51
N THR B 297 -11.47 2.63 3.83
CA THR B 297 -12.45 2.72 4.93
C THR B 297 -13.71 1.94 4.56
N PHE B 298 -14.16 2.13 3.32
CA PHE B 298 -15.34 1.47 2.74
C PHE B 298 -15.28 -0.07 2.90
N ASN B 299 -14.18 -0.69 2.46
CA ASN B 299 -13.97 -2.15 2.50
C ASN B 299 -13.86 -2.70 3.91
N GLN B 300 -13.27 -1.93 4.84
CA GLN B 300 -13.16 -2.31 6.24
C GLN B 300 -14.54 -2.33 6.89
N LEU B 301 -15.36 -1.29 6.62
CA LEU B 301 -16.72 -1.16 7.15
C LEU B 301 -17.61 -2.33 6.68
N MET B 302 -17.51 -2.70 5.40
CA MET B 302 -18.22 -3.83 4.76
C MET B 302 -17.94 -5.12 5.56
N ILE B 303 -16.66 -5.46 5.68
CA ILE B 303 -16.12 -6.63 6.38
C ILE B 303 -16.48 -6.59 7.86
N SER B 304 -16.34 -5.43 8.51
CA SER B 304 -16.67 -5.25 9.92
C SER B 304 -18.14 -5.54 10.18
N GLN B 305 -19.04 -4.99 9.37
CA GLN B 305 -20.47 -5.22 9.55
C GLN B 305 -20.81 -6.68 9.31
N LEU B 306 -20.19 -7.31 8.29
CA LEU B 306 -20.40 -8.72 8.00
C LEU B 306 -19.94 -9.57 9.19
N LEU B 307 -18.71 -9.32 9.69
CA LEU B 307 -18.14 -10.04 10.84
C LEU B 307 -18.92 -9.87 12.13
N HIS B 308 -19.37 -8.65 12.43
CA HIS B 308 -20.17 -8.37 13.63
C HIS B 308 -21.55 -9.02 13.57
N GLU B 309 -22.17 -9.05 12.38
CA GLU B 309 -23.47 -9.71 12.19
C GLU B 309 -23.34 -11.23 12.28
N TRP B 310 -22.24 -11.77 11.76
CA TRP B 310 -21.98 -13.20 11.78
C TRP B 310 -21.71 -13.75 13.17
N GLY B 311 -20.87 -13.04 13.91
CA GLY B 311 -20.39 -13.48 15.20
C GLY B 311 -19.29 -14.50 14.96
N GLU B 312 -18.72 -15.05 16.02
CA GLU B 312 -17.66 -16.05 15.86
C GLU B 312 -18.25 -17.34 15.25
N GLU B 313 -19.54 -17.60 15.53
CA GLU B 313 -20.34 -18.74 15.09
C GLU B 313 -20.69 -18.70 13.61
N GLY B 314 -21.09 -17.54 13.11
CA GLY B 314 -21.42 -17.32 11.70
C GLY B 314 -20.17 -17.31 10.83
N PHE B 315 -19.06 -16.76 11.36
CA PHE B 315 -17.78 -16.73 10.65
C PHE B 315 -17.26 -18.16 10.50
N MET B 316 -17.31 -18.96 11.59
CA MET B 316 -16.87 -20.35 11.61
C MET B 316 -17.72 -21.29 10.73
N ALA B 317 -19.02 -21.00 10.57
CA ALA B 317 -19.94 -21.74 9.69
C ALA B 317 -19.56 -21.48 8.23
N HIS B 318 -19.16 -20.23 7.91
CA HIS B 318 -18.69 -19.83 6.59
C HIS B 318 -17.38 -20.56 6.25
N VAL B 319 -16.42 -20.64 7.21
CA VAL B 319 -15.17 -21.37 6.95
C VAL B 319 -15.39 -22.87 6.71
N ASP B 320 -16.36 -23.48 7.43
CA ASP B 320 -16.76 -24.88 7.27
C ASP B 320 -17.27 -25.14 5.85
N ARG B 321 -18.12 -24.24 5.32
CA ARG B 321 -18.64 -24.33 3.95
C ARG B 321 -17.51 -24.18 2.93
N VAL B 322 -16.55 -23.27 3.20
CA VAL B 322 -15.38 -22.99 2.35
C VAL B 322 -14.46 -24.22 2.33
N ILE B 323 -14.14 -24.78 3.52
CA ILE B 323 -13.30 -25.98 3.67
C ILE B 323 -13.94 -27.17 2.92
N ASP B 324 -15.26 -27.34 3.08
CA ASP B 324 -16.01 -28.41 2.42
C ASP B 324 -15.92 -28.31 0.90
N PHE B 325 -16.07 -27.10 0.35
CA PHE B 325 -15.98 -26.84 -1.08
C PHE B 325 -14.57 -27.16 -1.63
N TYR B 326 -13.52 -26.61 -0.99
CA TYR B 326 -12.14 -26.82 -1.41
C TYR B 326 -11.67 -28.26 -1.21
N SER B 327 -12.24 -28.98 -0.23
CA SER B 327 -11.92 -30.37 0.06
C SER B 327 -12.42 -31.25 -1.08
N ASN B 328 -13.59 -30.91 -1.65
CA ASN B 328 -14.16 -31.61 -2.80
C ASN B 328 -13.37 -31.30 -4.06
N GLN B 329 -12.88 -30.05 -4.18
CA GLN B 329 -12.03 -29.59 -5.29
C GLN B 329 -10.71 -30.35 -5.26
N LYS B 330 -10.13 -30.52 -4.05
CA LYS B 330 -8.90 -31.26 -3.81
C LYS B 330 -9.09 -32.72 -4.26
N ASP B 331 -10.21 -33.37 -3.86
CA ASP B 331 -10.52 -34.76 -4.27
C ASP B 331 -10.66 -34.88 -5.79
N ALA B 332 -11.32 -33.89 -6.42
CA ALA B 332 -11.50 -33.85 -7.87
C ALA B 332 -10.17 -33.75 -8.63
N ILE B 333 -9.21 -32.93 -8.14
CA ILE B 333 -7.90 -32.77 -8.78
C ILE B 333 -7.04 -34.03 -8.59
N LEU B 334 -7.17 -34.67 -7.41
CA LEU B 334 -6.48 -35.90 -7.04
C LEU B 334 -6.96 -37.04 -7.95
N ALA B 335 -8.29 -37.14 -8.16
CA ALA B 335 -8.92 -38.14 -9.05
C ALA B 335 -8.45 -37.95 -10.49
N ALA B 336 -8.35 -36.70 -10.96
CA ALA B 336 -7.85 -36.37 -12.32
C ALA B 336 -6.36 -36.75 -12.48
N ALA B 337 -5.55 -36.51 -11.42
CA ALA B 337 -4.12 -36.85 -11.40
C ALA B 337 -3.93 -38.37 -11.35
N ASP B 338 -4.77 -39.11 -10.58
CA ASP B 338 -4.72 -40.58 -10.51
C ASP B 338 -4.98 -41.20 -11.89
N LYS B 339 -6.01 -40.70 -12.58
CA LYS B 339 -6.49 -41.15 -13.88
C LYS B 339 -5.47 -40.92 -15.03
N TRP B 340 -4.84 -39.73 -15.10
CA TRP B 340 -3.95 -39.36 -16.20
C TRP B 340 -2.46 -39.29 -15.91
N LEU B 341 -2.08 -39.00 -14.66
CA LEU B 341 -0.67 -38.77 -14.32
C LEU B 341 0.08 -39.92 -13.69
N THR B 342 -0.64 -40.97 -13.24
CA THR B 342 -0.01 -42.14 -12.60
C THR B 342 1.06 -42.75 -13.49
N GLY B 343 2.28 -42.86 -12.96
CA GLY B 343 3.42 -43.41 -13.66
C GLY B 343 4.29 -42.36 -14.30
N LEU B 344 3.72 -41.15 -14.58
CA LEU B 344 4.41 -40.01 -15.19
C LEU B 344 4.83 -38.98 -14.17
N ALA B 345 4.19 -38.93 -12.99
CA ALA B 345 4.46 -37.88 -12.02
C ALA B 345 4.32 -38.31 -10.57
N GLU B 346 4.90 -37.52 -9.66
CA GLU B 346 4.85 -37.75 -8.21
C GLU B 346 4.10 -36.60 -7.57
N TRP B 347 3.28 -36.93 -6.60
CA TRP B 347 2.49 -35.98 -5.81
C TRP B 347 1.93 -36.73 -4.59
N HIS B 348 1.36 -35.98 -3.68
CA HIS B 348 0.67 -36.50 -2.51
C HIS B 348 -0.45 -35.55 -2.14
N VAL B 349 -1.23 -35.91 -1.14
CA VAL B 349 -2.40 -35.16 -0.73
C VAL B 349 -2.03 -33.80 -0.06
N PRO B 350 -2.50 -32.64 -0.61
CA PRO B 350 -2.26 -31.35 0.07
C PRO B 350 -2.98 -31.36 1.43
N ALA B 351 -2.36 -30.77 2.46
CA ALA B 351 -2.94 -30.72 3.81
C ALA B 351 -3.90 -29.55 4.01
N ALA B 352 -3.72 -28.49 3.23
CA ALA B 352 -4.51 -27.25 3.26
C ALA B 352 -4.33 -26.47 1.97
N GLY B 353 -5.09 -25.40 1.82
CA GLY B 353 -4.96 -24.48 0.69
C GLY B 353 -5.65 -24.84 -0.61
N MET B 354 -5.08 -24.36 -1.72
CA MET B 354 -5.67 -24.52 -3.04
C MET B 354 -4.73 -25.03 -4.12
N PHE B 355 -3.58 -25.60 -3.73
CA PHE B 355 -2.59 -26.07 -4.69
C PHE B 355 -2.17 -27.53 -4.59
N LEU B 356 -1.92 -28.11 -5.77
CA LEU B 356 -1.36 -29.44 -5.94
C LEU B 356 0.02 -29.21 -6.58
N TRP B 357 1.06 -29.71 -5.94
CA TRP B 357 2.46 -29.61 -6.35
C TRP B 357 2.83 -30.99 -6.94
N ILE B 358 3.14 -31.00 -8.24
CA ILE B 358 3.42 -32.20 -9.01
C ILE B 358 4.86 -32.19 -9.51
N LYS B 359 5.57 -33.33 -9.36
CA LYS B 359 6.92 -33.49 -9.87
C LYS B 359 6.81 -34.39 -11.11
N VAL B 360 7.23 -33.89 -12.27
CA VAL B 360 7.21 -34.67 -13.51
C VAL B 360 8.42 -35.61 -13.49
N LYS B 361 8.19 -36.93 -13.58
CA LYS B 361 9.18 -38.01 -13.46
C LYS B 361 10.51 -37.96 -14.24
N GLY B 362 10.49 -37.73 -15.55
CA GLY B 362 11.73 -37.77 -16.33
C GLY B 362 12.08 -36.55 -17.14
N ILE B 363 11.71 -35.37 -16.62
CA ILE B 363 11.95 -34.08 -17.28
C ILE B 363 12.76 -33.22 -16.32
N ASN B 364 13.89 -32.68 -16.79
CA ASN B 364 14.74 -31.81 -15.98
C ASN B 364 14.11 -30.42 -15.81
N ASP B 365 13.59 -29.83 -16.91
CA ASP B 365 12.96 -28.51 -16.92
C ASP B 365 11.58 -28.53 -17.60
N VAL B 366 10.54 -28.25 -16.80
CA VAL B 366 9.14 -28.25 -17.19
C VAL B 366 8.73 -26.88 -17.82
N LYS B 367 9.57 -25.84 -17.68
CA LYS B 367 9.33 -24.49 -18.18
C LYS B 367 8.90 -24.42 -19.66
N GLU B 368 9.58 -25.14 -20.56
CA GLU B 368 9.19 -25.13 -21.97
C GLU B 368 7.89 -25.91 -22.24
N LEU B 369 7.65 -26.99 -21.47
CA LEU B 369 6.43 -27.78 -21.59
C LEU B 369 5.20 -26.92 -21.19
N ILE B 370 5.28 -26.23 -20.04
CA ILE B 370 4.22 -25.39 -19.46
C ILE B 370 4.07 -24.05 -20.20
N GLU B 371 5.18 -23.30 -20.39
CA GLU B 371 5.15 -21.98 -21.03
C GLU B 371 4.86 -22.00 -22.53
N GLU B 372 5.29 -23.05 -23.26
CA GLU B 372 5.07 -23.11 -24.71
C GLU B 372 3.95 -24.05 -25.12
N LYS B 373 4.16 -25.38 -25.07
CA LYS B 373 3.23 -26.43 -25.48
C LYS B 373 1.84 -26.40 -24.82
N ALA B 374 1.79 -26.33 -23.47
CA ALA B 374 0.54 -26.29 -22.69
C ALA B 374 -0.29 -25.05 -22.98
N VAL B 375 0.36 -23.89 -23.15
CA VAL B 375 -0.29 -22.61 -23.49
C VAL B 375 -0.98 -22.73 -24.86
N LYS B 376 -0.28 -23.30 -25.86
CA LYS B 376 -0.82 -23.51 -27.22
C LYS B 376 -2.01 -24.46 -27.21
N MET B 377 -2.12 -25.31 -26.16
CA MET B 377 -3.19 -26.31 -25.97
C MET B 377 -4.37 -25.81 -25.12
N GLY B 378 -4.27 -24.59 -24.58
CA GLY B 378 -5.30 -23.99 -23.76
C GLY B 378 -5.30 -24.38 -22.28
N VAL B 379 -4.16 -24.86 -21.76
CA VAL B 379 -4.02 -25.29 -20.36
C VAL B 379 -2.96 -24.47 -19.64
N LEU B 380 -3.36 -23.78 -18.56
CA LEU B 380 -2.50 -22.91 -17.77
C LEU B 380 -2.20 -23.44 -16.38
N MET B 381 -0.90 -23.60 -16.11
CA MET B 381 -0.32 -24.02 -14.83
C MET B 381 0.93 -23.20 -14.59
N LEU B 382 1.51 -23.25 -13.40
CA LEU B 382 2.73 -22.50 -13.14
C LEU B 382 3.94 -23.44 -13.06
N PRO B 383 5.05 -23.14 -13.77
CA PRO B 383 6.25 -23.99 -13.63
C PRO B 383 6.88 -23.76 -12.26
N GLY B 384 7.59 -24.75 -11.74
CA GLY B 384 8.20 -24.69 -10.42
C GLY B 384 9.20 -23.58 -10.22
N ASN B 385 9.88 -23.16 -11.31
CA ASN B 385 10.94 -22.13 -11.40
C ASN B 385 10.57 -20.86 -10.64
N ALA B 386 9.29 -20.44 -10.73
CA ALA B 386 8.72 -19.27 -10.08
C ALA B 386 8.79 -19.28 -8.55
N PHE B 387 9.02 -20.45 -7.93
CA PHE B 387 8.99 -20.62 -6.48
C PHE B 387 10.34 -20.81 -5.81
N TYR B 388 11.42 -20.58 -6.56
CA TYR B 388 12.80 -20.70 -6.07
C TYR B 388 13.52 -19.38 -6.20
N VAL B 389 14.54 -19.15 -5.34
CA VAL B 389 15.41 -17.95 -5.33
C VAL B 389 16.10 -17.90 -6.69
N ASP B 390 16.61 -19.06 -7.14
CA ASP B 390 17.23 -19.19 -8.45
C ASP B 390 16.16 -19.71 -9.41
N SER B 391 15.38 -18.78 -9.98
CA SER B 391 14.29 -19.07 -10.92
C SER B 391 14.79 -19.47 -12.31
N SER B 392 16.10 -19.30 -12.60
CA SER B 392 16.72 -19.64 -13.88
C SER B 392 17.12 -21.12 -13.90
N ALA B 393 17.21 -21.74 -12.72
CA ALA B 393 17.55 -23.15 -12.57
C ALA B 393 16.41 -24.03 -13.11
N PRO B 394 16.72 -25.19 -13.73
CA PRO B 394 15.65 -26.05 -14.26
C PRO B 394 14.79 -26.64 -13.14
N SER B 395 13.49 -26.81 -13.40
CA SER B 395 12.59 -27.39 -12.43
C SER B 395 11.69 -28.50 -13.00
N PRO B 396 11.63 -29.69 -12.35
CA PRO B 396 10.71 -30.74 -12.84
C PRO B 396 9.28 -30.58 -12.30
N TYR B 397 9.05 -29.55 -11.49
CA TYR B 397 7.78 -29.32 -10.79
C TYR B 397 6.85 -28.35 -11.44
N LEU B 398 5.55 -28.54 -11.16
CA LEU B 398 4.52 -27.62 -11.59
C LEU B 398 3.50 -27.43 -10.48
N ARG B 399 2.89 -26.22 -10.42
CA ARG B 399 1.84 -25.91 -9.45
C ARG B 399 0.52 -25.87 -10.17
N ALA B 400 -0.45 -26.65 -9.68
CA ALA B 400 -1.82 -26.68 -10.22
C ALA B 400 -2.77 -26.26 -9.10
N SER B 401 -3.53 -25.19 -9.35
CA SER B 401 -4.49 -24.69 -8.39
C SER B 401 -5.82 -25.40 -8.62
N PHE B 402 -6.46 -25.86 -7.54
CA PHE B 402 -7.78 -26.52 -7.63
C PHE B 402 -8.90 -25.61 -7.12
N SER B 403 -8.64 -24.31 -6.96
CA SER B 403 -9.62 -23.38 -6.45
C SER B 403 -10.86 -23.13 -7.32
N SER B 404 -10.71 -23.11 -8.65
CA SER B 404 -11.85 -22.73 -9.49
C SER B 404 -12.28 -23.61 -10.64
N ALA B 405 -11.37 -24.45 -11.17
CA ALA B 405 -11.73 -25.32 -12.28
C ALA B 405 -12.70 -26.39 -11.83
N SER B 406 -13.61 -26.79 -12.72
CA SER B 406 -14.57 -27.85 -12.45
C SER B 406 -13.85 -29.23 -12.57
N PRO B 407 -14.41 -30.32 -11.99
CA PRO B 407 -13.77 -31.66 -12.13
C PRO B 407 -13.50 -32.08 -13.58
N GLU B 408 -14.42 -31.75 -14.50
CA GLU B 408 -14.30 -32.09 -15.93
C GLU B 408 -13.21 -31.27 -16.63
N GLN B 409 -12.98 -30.02 -16.17
CA GLN B 409 -11.92 -29.15 -16.70
C GLN B 409 -10.57 -29.69 -16.22
N MET B 410 -10.51 -30.20 -14.97
CA MET B 410 -9.32 -30.80 -14.38
C MET B 410 -8.94 -32.06 -15.16
N ASP B 411 -9.96 -32.86 -15.55
CA ASP B 411 -9.81 -34.10 -16.34
C ASP B 411 -9.16 -33.81 -17.71
N VAL B 412 -9.72 -32.84 -18.47
CA VAL B 412 -9.21 -32.40 -19.78
C VAL B 412 -7.79 -31.80 -19.62
N ALA B 413 -7.59 -30.94 -18.59
CA ALA B 413 -6.30 -30.31 -18.31
C ALA B 413 -5.18 -31.35 -18.07
N PHE B 414 -5.46 -32.38 -17.26
CA PHE B 414 -4.50 -33.44 -16.95
C PHE B 414 -4.26 -34.40 -18.08
N GLN B 415 -5.28 -34.61 -18.91
CA GLN B 415 -5.24 -35.41 -20.13
C GLN B 415 -4.29 -34.74 -21.12
N VAL B 416 -4.36 -33.40 -21.25
CA VAL B 416 -3.48 -32.59 -22.11
C VAL B 416 -2.05 -32.64 -21.57
N LEU B 417 -1.84 -32.42 -20.25
CA LEU B 417 -0.56 -32.47 -19.54
C LEU B 417 0.13 -33.83 -19.78
N ALA B 418 -0.59 -34.94 -19.50
CA ALA B 418 -0.08 -36.31 -19.67
C ALA B 418 0.40 -36.53 -21.09
N GLN B 419 -0.41 -36.11 -22.08
CA GLN B 419 -0.09 -36.24 -23.50
C GLN B 419 1.22 -35.51 -23.84
N LEU B 420 1.37 -34.27 -23.35
CA LEU B 420 2.56 -33.44 -23.59
C LEU B 420 3.83 -33.96 -22.91
N ILE B 421 3.69 -34.52 -21.69
CA ILE B 421 4.80 -35.09 -20.93
C ILE B 421 5.28 -36.32 -21.70
N LYS B 422 4.34 -37.23 -22.07
CA LYS B 422 4.63 -38.47 -22.82
C LYS B 422 5.35 -38.17 -24.13
N GLU B 423 4.90 -37.14 -24.88
CA GLU B 423 5.54 -36.69 -26.13
C GLU B 423 6.98 -36.28 -25.86
N SER B 424 7.23 -35.47 -24.79
CA SER B 424 8.56 -35.00 -24.39
C SER B 424 9.46 -36.14 -23.89
N LEU B 425 8.87 -37.19 -23.32
CA LEU B 425 9.64 -38.34 -22.83
C LEU B 425 10.02 -39.28 -23.97
N LEU B 426 9.23 -39.29 -25.04
CA LEU B 426 9.50 -40.14 -26.20
C LEU B 426 10.55 -39.58 -27.17
N VAL B 427 10.91 -38.29 -27.03
CA VAL B 427 11.97 -37.64 -27.81
C VAL B 427 13.31 -38.23 -27.32
N PRO B 428 14.17 -38.80 -28.20
CA PRO B 428 15.42 -39.44 -27.73
C PRO B 428 16.45 -38.50 -27.15
#